data_8G10
#
_entry.id   8G10
#
_cell.length_a   78.012
_cell.length_b   98.659
_cell.length_c   142.275
_cell.angle_alpha   90.00
_cell.angle_beta   90.00
_cell.angle_gamma   90.00
#
_symmetry.space_group_name_H-M   'P 21 21 21'
#
loop_
_entity.id
_entity.type
_entity.pdbx_description
1 polymer 'Cyclic GMP-AMP synthase'
2 polymer 'Palindromic DNA18'
3 non-polymer "GUANOSINE-5'-TRIPHOSPHATE"
4 non-polymer 'MAGNESIUM ION'
5 non-polymer 'ZINC ION'
6 water water
#
loop_
_entity_poly.entity_id
_entity_poly.type
_entity_poly.pdbx_seq_one_letter_code
_entity_poly.pdbx_strand_id
1 'polypeptide(L)'
;GTGPDKLKKVLDKLRLKRKDISEAAETVNKVVERLLRRMQKRESEFKGVEQLNTGSYYEHVKISAPNQFNVMFKLEVPRI
ELQEYYETGAFYLVKFKRIPRGNPLSHFLEGEVLSATKMLSKFRKIIKEEVKEIKDIDVSVEKEKPGSPAVTLLIRNPEE
ISVDIILALESKGSWPISTKEGLPIQGWLGTKVRTNLRREPFYLVPKNAKDGNSFQGETWRLSFSHTEKYILNNHGIEKT
CCESSGAKCCRKECLKLMKYLLEQLKKEFQELDAFCSYHVKTAIFHMWTQDPQDSQWDPRNLSSCFDKLLAFFLECLRTE
KLDHYFIPKFNLFSQELIDRKSKEFLSKKIEYERNNGFPIFDKL
;
A,C
2 'polydeoxyribonucleotide' (DA)(DT)(DC)(DT)(DG)(DT)(DA)(DC)(DA)(DT)(DG)(DT)(DA)(DC)(DA)(DG)(DA)(DT) E,F,I,J
#
loop_
_chem_comp.id
_chem_comp.type
_chem_comp.name
_chem_comp.formula
DA DNA linking 2'-DEOXYADENOSINE-5'-MONOPHOSPHATE 'C10 H14 N5 O6 P'
DC DNA linking 2'-DEOXYCYTIDINE-5'-MONOPHOSPHATE 'C9 H14 N3 O7 P'
DG DNA linking 2'-DEOXYGUANOSINE-5'-MONOPHOSPHATE 'C10 H14 N5 O7 P'
DT DNA linking THYMIDINE-5'-MONOPHOSPHATE 'C10 H15 N2 O8 P'
GTP non-polymer GUANOSINE-5'-TRIPHOSPHATE 'C10 H16 N5 O14 P3'
MG non-polymer 'MAGNESIUM ION' 'Mg 2'
ZN non-polymer 'ZINC ION' 'Zn 2'
#
# COMPACT_ATOMS: atom_id res chain seq x y z
N THR A 2 1.58 30.10 -25.62
CA THR A 2 0.14 29.86 -25.53
C THR A 2 -0.15 28.58 -24.73
N GLY A 3 -0.09 27.43 -25.40
CA GLY A 3 -0.41 26.15 -24.80
C GLY A 3 0.51 25.78 -23.65
N PRO A 4 1.39 24.80 -23.85
CA PRO A 4 2.27 24.37 -22.75
C PRO A 4 3.04 25.51 -22.07
N ASP A 5 3.55 26.47 -22.85
CA ASP A 5 4.38 27.54 -22.30
C ASP A 5 3.52 28.60 -21.60
N LYS A 6 4.22 29.60 -21.02
CA LYS A 6 3.68 30.61 -20.12
C LYS A 6 3.33 29.99 -18.77
N LEU A 7 2.50 28.94 -18.76
CA LEU A 7 2.21 28.29 -17.48
C LEU A 7 3.44 27.58 -16.94
N LYS A 8 4.29 27.04 -17.83
CA LYS A 8 5.58 26.50 -17.39
C LYS A 8 6.47 27.59 -16.81
N LYS A 9 6.34 28.82 -17.29
CA LYS A 9 7.12 29.92 -16.72
C LYS A 9 6.60 30.30 -15.34
N VAL A 10 5.27 30.29 -15.15
CA VAL A 10 4.71 30.57 -13.84
C VAL A 10 5.17 29.52 -12.84
N LEU A 11 5.10 28.24 -13.24
CA LEU A 11 5.54 27.16 -12.38
C LEU A 11 6.99 27.33 -11.97
N ASP A 12 7.83 27.82 -12.89
CA ASP A 12 9.24 28.08 -12.55
C ASP A 12 9.34 29.10 -11.43
N LYS A 13 8.56 30.17 -11.53
CA LYS A 13 8.51 31.15 -10.45
C LYS A 13 8.08 30.49 -9.14
N LEU A 14 7.04 29.66 -9.19
CA LEU A 14 6.47 29.08 -7.97
C LEU A 14 7.36 28.03 -7.32
N ARG A 15 8.38 27.52 -8.03
CA ARG A 15 9.21 26.44 -7.52
C ARG A 15 10.01 26.89 -6.32
N LEU A 16 9.92 26.12 -5.23
CA LEU A 16 10.78 26.37 -4.08
C LEU A 16 12.24 26.11 -4.44
N LYS A 17 13.13 26.90 -3.82
CA LYS A 17 14.58 26.75 -3.93
C LYS A 17 15.12 25.85 -2.83
N ARG A 18 16.00 24.93 -3.20
CA ARG A 18 16.63 24.04 -2.22
C ARG A 18 17.26 24.80 -1.06
N LYS A 19 17.95 25.91 -1.35
CA LYS A 19 18.59 26.68 -0.30
C LYS A 19 17.56 27.21 0.70
N ASP A 20 16.48 27.82 0.20
CA ASP A 20 15.41 28.29 1.08
C ASP A 20 14.81 27.14 1.88
N ILE A 21 14.49 26.03 1.20
CA ILE A 21 13.93 24.84 1.86
C ILE A 21 14.82 24.41 3.02
N SER A 22 16.13 24.36 2.76
CA SER A 22 17.08 23.84 3.73
C SER A 22 17.08 24.67 5.01
N GLU A 23 17.23 26.00 4.85
CA GLU A 23 17.24 26.90 6.00
C GLU A 23 15.91 26.92 6.74
N ALA A 24 14.79 26.94 5.99
CA ALA A 24 13.49 26.96 6.64
C ALA A 24 13.26 25.69 7.43
N ALA A 25 13.57 24.54 6.82
CA ALA A 25 13.32 23.25 7.47
C ALA A 25 14.21 23.04 8.69
N GLU A 26 15.42 23.58 8.69
CA GLU A 26 16.29 23.34 9.84
C GLU A 26 15.76 24.05 11.08
N THR A 27 15.33 25.30 10.94
CA THR A 27 14.72 26.03 12.05
C THR A 27 13.39 25.39 12.46
N VAL A 28 12.51 25.11 11.48
CA VAL A 28 11.18 24.58 11.82
C VAL A 28 11.31 23.26 12.56
N ASN A 29 12.22 22.39 12.13
CA ASN A 29 12.36 21.09 12.79
C ASN A 29 12.89 21.24 14.21
N LYS A 30 13.82 22.18 14.44
CA LYS A 30 14.32 22.46 15.78
C LYS A 30 13.18 22.86 16.72
N VAL A 31 12.36 23.82 16.29
CA VAL A 31 11.29 24.31 17.14
C VAL A 31 10.26 23.22 17.40
N VAL A 32 9.87 22.50 16.34
CA VAL A 32 8.82 21.49 16.44
C VAL A 32 9.25 20.34 17.33
N GLU A 33 10.51 19.91 17.20
CA GLU A 33 11.01 18.79 17.99
C GLU A 33 11.20 19.16 19.45
N ARG A 34 11.46 20.44 19.73
CA ARG A 34 11.51 20.89 21.13
C ARG A 34 10.11 20.97 21.73
N LEU A 35 9.13 21.42 20.97
CA LEU A 35 7.76 21.46 21.47
C LEU A 35 7.20 20.06 21.63
N LEU A 36 7.54 19.15 20.71
CA LEU A 36 7.12 17.76 20.88
C LEU A 36 7.74 17.14 22.13
N ARG A 37 8.99 17.51 22.45
CA ARG A 37 9.68 16.96 23.61
C ARG A 37 9.07 17.46 24.92
N ARG A 38 8.70 18.76 24.97
CA ARG A 38 8.08 19.34 26.15
C ARG A 38 6.72 18.71 26.46
N MET A 39 6.00 18.26 25.42
CA MET A 39 4.73 17.56 25.59
C MET A 39 4.90 16.20 26.26
N GLN A 40 6.09 15.61 26.16
CA GLN A 40 6.31 14.29 26.74
C GLN A 40 6.71 14.36 28.20
N LYS A 41 7.10 15.53 28.69
CA LYS A 41 7.61 15.65 30.06
C LYS A 41 6.50 15.45 31.08
N ARG A 42 6.87 14.89 32.22
CA ARG A 42 6.22 15.07 33.53
C ARG A 42 4.74 14.63 33.50
N GLU A 43 3.92 15.31 34.32
CA GLU A 43 2.47 15.19 34.35
C GLU A 43 1.86 16.11 33.30
N SER A 44 2.33 16.02 32.06
CA SER A 44 1.69 16.71 30.96
C SER A 44 0.53 15.86 30.45
N GLU A 45 -0.64 16.48 30.32
CA GLU A 45 -1.82 15.78 29.80
C GLU A 45 -1.61 15.32 28.37
N PHE A 46 -0.67 15.92 27.65
CA PHE A 46 -0.43 15.60 26.25
C PHE A 46 0.72 14.63 26.08
N LYS A 47 1.13 13.92 27.13
CA LYS A 47 2.21 12.97 26.98
C LYS A 47 1.75 11.83 26.07
N GLY A 48 2.60 11.47 25.13
CA GLY A 48 2.24 10.47 24.14
C GLY A 48 1.87 11.03 22.77
N VAL A 49 1.64 12.35 22.66
CA VAL A 49 1.37 12.95 21.35
C VAL A 49 2.47 12.57 20.39
N GLU A 50 2.09 12.17 19.18
CA GLU A 50 3.07 11.94 18.13
C GLU A 50 2.88 12.96 17.02
N GLN A 51 3.94 13.14 16.24
CA GLN A 51 3.98 14.19 15.22
C GLN A 51 3.53 13.64 13.88
N LEU A 52 2.83 14.48 13.12
CA LEU A 52 2.29 14.12 11.82
C LEU A 52 2.40 15.35 10.95
N ASN A 53 3.31 15.34 9.98
CA ASN A 53 3.51 16.47 9.09
C ASN A 53 2.50 16.43 7.95
N THR A 54 1.78 17.54 7.74
CA THR A 54 0.67 17.58 6.78
C THR A 54 0.70 18.89 5.98
N GLY A 55 -0.29 19.06 5.09
CA GLY A 55 -0.43 20.28 4.32
C GLY A 55 0.56 20.35 3.16
N SER A 56 0.56 21.53 2.52
CA SER A 56 1.11 21.62 1.16
C SER A 56 2.60 21.29 1.12
N TYR A 57 3.36 21.71 2.13
CA TYR A 57 4.80 21.53 2.08
C TYR A 57 5.18 20.05 2.04
N TYR A 58 4.46 19.23 2.80
CA TYR A 58 4.73 17.80 2.86
C TYR A 58 4.04 17.01 1.76
N GLU A 59 3.06 17.60 1.06
CA GLU A 59 2.52 17.01 -0.17
C GLU A 59 3.28 17.45 -1.42
N HIS A 60 4.22 18.39 -1.26
CA HIS A 60 5.00 18.97 -2.36
C HIS A 60 4.13 19.82 -3.29
N VAL A 61 3.21 20.59 -2.70
CA VAL A 61 2.48 21.54 -3.53
C VAL A 61 2.52 22.95 -2.91
N LYS A 62 3.43 23.17 -1.97
CA LYS A 62 3.67 24.52 -1.47
C LYS A 62 4.29 25.36 -2.58
N ILE A 63 3.90 26.63 -2.68
CA ILE A 63 4.35 27.47 -3.78
C ILE A 63 5.06 28.72 -3.27
N SER A 64 5.87 29.32 -4.16
CA SER A 64 6.57 30.60 -3.97
C SER A 64 7.72 30.55 -2.96
N ALA A 65 7.44 30.18 -1.72
CA ALA A 65 8.45 30.20 -0.67
C ALA A 65 8.10 29.13 0.35
N PRO A 66 9.08 28.62 1.07
CA PRO A 66 8.73 27.67 2.14
C PRO A 66 8.45 28.44 3.43
N ASN A 67 7.29 29.13 3.46
CA ASN A 67 6.97 30.03 4.57
C ASN A 67 5.73 29.61 5.36
N GLN A 68 5.21 28.40 5.16
CA GLN A 68 4.07 27.97 5.96
C GLN A 68 4.07 26.45 6.09
N PHE A 69 4.20 25.96 7.33
CA PHE A 69 4.30 24.55 7.65
C PHE A 69 3.11 24.12 8.50
N ASN A 70 2.65 22.90 8.28
CA ASN A 70 1.51 22.37 9.01
C ASN A 70 1.92 21.09 9.71
N VAL A 71 1.73 21.02 11.02
CA VAL A 71 2.10 19.81 11.75
C VAL A 71 1.03 19.50 12.78
N MET A 72 0.58 18.26 12.80
CA MET A 72 -0.39 17.78 13.78
C MET A 72 0.33 17.09 14.95
N PHE A 73 -0.03 17.47 16.17
CA PHE A 73 0.38 16.77 17.38
C PHE A 73 -0.81 15.93 17.78
N LYS A 74 -0.77 14.64 17.46
CA LYS A 74 -1.92 13.76 17.56
C LYS A 74 -1.83 12.88 18.81
N LEU A 75 -2.95 12.76 19.51
CA LEU A 75 -3.03 12.05 20.78
C LEU A 75 -4.05 10.92 20.67
N GLU A 76 -3.57 9.67 20.76
CA GLU A 76 -4.44 8.51 20.74
C GLU A 76 -5.33 8.51 21.98
N VAL A 77 -6.64 8.43 21.76
CA VAL A 77 -7.56 8.52 22.88
C VAL A 77 -8.53 7.34 22.73
N PRO A 78 -8.41 6.31 23.59
CA PRO A 78 -9.17 5.07 23.40
C PRO A 78 -10.68 5.20 23.47
N ARG A 79 -11.31 4.77 24.56
CA ARG A 79 -12.73 4.50 24.51
C ARG A 79 -13.57 5.78 24.42
N ILE A 80 -13.86 6.24 23.21
CA ILE A 80 -14.64 7.47 23.04
C ILE A 80 -15.89 7.21 22.24
N GLU A 81 -16.91 8.00 22.55
CA GLU A 81 -18.18 7.97 21.87
C GLU A 81 -18.44 9.36 21.29
N LEU A 82 -18.85 9.41 20.03
CA LEU A 82 -19.05 10.65 19.31
C LEU A 82 -20.53 10.89 19.11
N GLN A 83 -20.95 12.13 19.27
CA GLN A 83 -22.30 12.53 18.93
C GLN A 83 -22.19 13.59 17.86
N GLU A 84 -22.84 13.36 16.72
CA GLU A 84 -22.79 14.34 15.66
C GLU A 84 -23.50 15.61 16.10
N TYR A 85 -22.86 16.74 15.81
CA TYR A 85 -23.41 18.02 16.20
C TYR A 85 -24.38 18.46 15.11
N TYR A 86 -25.69 18.27 15.36
CA TYR A 86 -26.76 18.82 14.53
C TYR A 86 -26.60 18.48 13.04
N GLU A 87 -26.50 17.18 12.74
CA GLU A 87 -26.47 16.66 11.36
C GLU A 87 -25.53 17.44 10.42
N THR A 88 -24.53 18.15 10.95
CA THR A 88 -23.57 18.87 10.11
C THR A 88 -22.56 17.98 9.40
N GLY A 89 -22.34 16.76 9.89
CA GLY A 89 -21.43 15.82 9.26
C GLY A 89 -19.98 15.92 9.67
N ALA A 90 -19.50 17.14 9.89
CA ALA A 90 -18.10 17.38 10.18
C ALA A 90 -17.84 17.68 11.65
N PHE A 91 -18.85 18.10 12.42
CA PHE A 91 -18.66 18.55 13.80
C PHE A 91 -19.26 17.59 14.80
N TYR A 92 -18.52 17.34 15.90
CA TYR A 92 -18.88 16.31 16.86
C TYR A 92 -18.64 16.79 18.28
N LEU A 93 -19.44 16.26 19.20
CA LEU A 93 -19.12 16.20 20.62
C LEU A 93 -18.42 14.89 20.93
N VAL A 94 -17.52 14.92 21.91
CA VAL A 94 -16.70 13.77 22.27
C VAL A 94 -16.97 13.42 23.74
N LYS A 95 -17.26 12.13 24.01
CA LYS A 95 -17.57 11.66 25.36
C LYS A 95 -16.84 10.35 25.66
N PHE A 96 -16.99 9.86 26.89
CA PHE A 96 -16.43 8.55 27.29
C PHE A 96 -17.50 7.61 27.83
N GLY A 102 -8.86 7.94 37.33
CA GLY A 102 -7.54 7.99 36.74
C GLY A 102 -7.60 8.14 35.24
N ASN A 103 -7.26 9.34 34.74
CA ASN A 103 -7.37 9.70 33.33
C ASN A 103 -6.82 11.12 33.15
N PRO A 104 -5.67 11.30 32.46
CA PRO A 104 -5.03 12.63 32.46
C PRO A 104 -5.86 13.70 31.79
N LEU A 105 -6.83 13.32 30.95
CA LEU A 105 -7.73 14.26 30.29
C LEU A 105 -8.91 14.68 31.15
N SER A 106 -9.08 14.09 32.33
CA SER A 106 -10.19 14.49 33.18
C SER A 106 -10.15 15.97 33.51
N HIS A 107 -8.97 16.59 33.44
CA HIS A 107 -8.86 18.01 33.74
C HIS A 107 -9.68 18.88 32.76
N PHE A 108 -10.03 18.32 31.60
CA PHE A 108 -10.82 19.00 30.57
C PHE A 108 -12.25 18.46 30.45
N LEU A 109 -12.59 17.40 31.19
CA LEU A 109 -13.91 16.82 31.09
C LEU A 109 -14.97 17.82 31.57
N GLU A 110 -16.23 17.49 31.28
CA GLU A 110 -17.37 18.34 31.62
C GLU A 110 -18.64 17.51 31.73
N GLY A 111 -18.68 16.59 32.70
CA GLY A 111 -19.74 15.60 32.74
C GLY A 111 -19.84 14.83 31.43
N GLU A 112 -18.92 13.88 31.24
CA GLU A 112 -18.84 13.01 30.06
C GLU A 112 -18.17 13.70 28.87
N VAL A 113 -18.32 15.02 28.73
CA VAL A 113 -17.98 15.72 27.49
C VAL A 113 -16.60 16.36 27.59
N LEU A 114 -15.73 16.01 26.64
CA LEU A 114 -14.37 16.55 26.59
C LEU A 114 -14.42 17.92 25.91
N SER A 115 -14.11 18.98 26.67
CA SER A 115 -14.12 20.34 26.16
C SER A 115 -12.96 20.56 25.19
N ALA A 116 -13.28 21.04 23.98
CA ALA A 116 -12.24 21.32 22.99
C ALA A 116 -11.42 22.54 23.38
N THR A 117 -12.08 23.64 23.73
CA THR A 117 -11.35 24.87 24.00
C THR A 117 -10.63 24.83 25.33
N LYS A 118 -11.05 23.97 26.26
CA LYS A 118 -10.24 23.76 27.46
C LYS A 118 -8.96 23.01 27.15
N MET A 119 -9.08 21.92 26.37
CA MET A 119 -7.88 21.19 25.97
C MET A 119 -6.94 22.08 25.17
N LEU A 120 -7.50 22.83 24.20
CA LEU A 120 -6.69 23.69 23.34
C LEU A 120 -6.01 24.79 24.16
N SER A 121 -6.71 25.35 25.15
CA SER A 121 -6.10 26.37 26.01
C SER A 121 -4.90 25.83 26.76
N LYS A 122 -5.00 24.62 27.31
CA LYS A 122 -3.85 24.08 28.04
C LYS A 122 -2.72 23.74 27.06
N PHE A 123 -3.07 23.14 25.94
CA PHE A 123 -2.12 22.92 24.85
C PHE A 123 -1.43 24.22 24.46
N ARG A 124 -2.22 25.27 24.25
CA ARG A 124 -1.69 26.58 23.90
C ARG A 124 -0.77 27.10 24.99
N LYS A 125 -1.22 27.05 26.24
CA LYS A 125 -0.44 27.56 27.36
C LYS A 125 0.92 26.89 27.44
N ILE A 126 0.97 25.56 27.26
CA ILE A 126 2.24 24.86 27.32
C ILE A 126 3.18 25.36 26.23
N ILE A 127 2.67 25.51 25.01
CA ILE A 127 3.51 25.92 23.87
C ILE A 127 4.08 27.31 24.11
N LYS A 128 3.23 28.26 24.55
CA LYS A 128 3.73 29.62 24.80
C LYS A 128 4.87 29.59 25.80
N GLU A 129 4.74 28.79 26.86
CA GLU A 129 5.79 28.72 27.87
C GLU A 129 7.09 28.17 27.27
N GLU A 130 6.98 27.09 26.51
CA GLU A 130 8.19 26.51 25.93
C GLU A 130 8.84 27.46 24.93
N VAL A 131 8.04 28.22 24.18
CA VAL A 131 8.53 29.19 23.20
C VAL A 131 9.32 30.31 23.88
N LYS A 132 8.94 30.68 25.11
CA LYS A 132 9.67 31.71 25.82
C LYS A 132 11.09 31.28 26.14
N GLU A 133 11.31 29.98 26.34
CA GLU A 133 12.64 29.47 26.67
C GLU A 133 13.54 29.28 25.44
N ILE A 134 13.06 29.58 24.24
CA ILE A 134 13.87 29.47 23.04
C ILE A 134 14.63 30.78 22.84
N LYS A 135 15.96 30.73 22.99
CA LYS A 135 16.85 31.85 22.72
C LYS A 135 17.65 31.72 21.42
N ASP A 136 17.77 30.51 20.87
CA ASP A 136 18.36 30.32 19.54
C ASP A 136 17.69 31.23 18.52
N ILE A 137 16.37 31.22 18.51
CA ILE A 137 15.57 31.55 17.33
C ILE A 137 14.62 32.69 17.68
N ASP A 138 14.37 33.55 16.69
CA ASP A 138 13.39 34.62 16.84
C ASP A 138 12.04 34.03 16.48
N VAL A 139 11.30 33.60 17.50
CA VAL A 139 10.06 32.85 17.34
C VAL A 139 9.08 33.27 18.43
N SER A 140 7.85 33.61 18.02
CA SER A 140 6.77 33.99 18.94
C SER A 140 5.49 33.25 18.55
N VAL A 141 4.43 33.46 19.32
CA VAL A 141 3.15 32.79 19.15
C VAL A 141 2.12 33.82 18.73
N GLU A 142 1.42 33.54 17.64
CA GLU A 142 0.43 34.50 17.12
C GLU A 142 -0.78 34.59 18.04
N LYS A 143 -1.32 35.80 18.12
CA LYS A 143 -2.64 36.03 18.71
C LYS A 143 -3.64 34.99 18.24
N GLU A 144 -4.47 34.51 19.18
CA GLU A 144 -5.39 33.44 18.88
C GLU A 144 -6.58 33.94 18.07
N LYS A 145 -6.91 33.22 16.99
CA LYS A 145 -8.18 33.46 16.27
C LYS A 145 -9.32 32.71 16.94
N PRO A 146 -10.40 33.37 17.33
CA PRO A 146 -11.55 32.63 17.89
C PRO A 146 -12.09 31.60 16.89
N GLY A 147 -12.43 30.43 17.39
CA GLY A 147 -12.83 29.30 16.54
C GLY A 147 -11.76 28.83 15.56
N SER A 148 -10.50 28.75 16.00
CA SER A 148 -9.43 28.24 15.13
C SER A 148 -8.68 27.13 15.88
N PRO A 149 -8.46 25.99 15.24
CA PRO A 149 -7.84 24.86 15.96
C PRO A 149 -6.35 25.03 16.20
N ALA A 150 -5.71 26.05 15.65
CA ALA A 150 -4.25 26.07 15.52
C ALA A 150 -3.59 26.89 16.62
N VAL A 151 -2.34 26.55 16.89
CA VAL A 151 -1.43 27.42 17.62
C VAL A 151 -0.34 27.80 16.63
N THR A 152 -0.37 29.03 16.12
CA THR A 152 0.54 29.43 15.04
C THR A 152 1.80 30.09 15.58
N LEU A 153 2.96 29.53 15.22
CA LEU A 153 4.23 30.15 15.52
C LEU A 153 4.65 31.04 14.36
N LEU A 154 5.30 32.15 14.71
CA LEU A 154 5.90 33.07 13.74
C LEU A 154 7.39 33.05 13.94
N ILE A 155 8.13 32.66 12.91
CA ILE A 155 9.58 32.54 12.94
C ILE A 155 10.16 33.57 11.98
N ARG A 156 11.16 34.32 12.45
CA ARG A 156 11.95 35.23 11.64
C ARG A 156 13.34 34.64 11.55
N ASN A 157 13.70 34.21 10.35
CA ASN A 157 14.82 33.42 9.92
C ASN A 157 15.72 34.28 9.03
N PRO A 158 16.03 35.54 9.43
CA PRO A 158 15.28 36.70 8.96
C PRO A 158 13.94 36.44 8.25
N GLU A 159 13.86 35.68 7.17
CA GLU A 159 12.58 35.54 6.46
C GLU A 159 11.48 34.96 7.35
N GLU A 160 10.23 35.35 7.06
CA GLU A 160 9.08 35.02 7.91
C GLU A 160 8.50 33.66 7.55
N ILE A 161 8.20 32.88 8.59
CA ILE A 161 7.71 31.51 8.45
C ILE A 161 6.60 31.24 9.47
N SER A 162 5.47 30.72 9.00
CA SER A 162 4.35 30.33 9.87
C SER A 162 4.36 28.83 10.10
N VAL A 163 4.08 28.43 11.34
CA VAL A 163 3.88 27.02 11.68
C VAL A 163 2.57 26.90 12.44
N ASP A 164 1.58 26.24 11.84
CA ASP A 164 0.32 25.93 12.50
C ASP A 164 0.46 24.58 13.20
N ILE A 165 0.53 24.58 14.52
CA ILE A 165 0.49 23.33 15.28
C ILE A 165 -0.95 23.04 15.62
N ILE A 166 -1.45 21.90 15.14
CA ILE A 166 -2.85 21.53 15.31
C ILE A 166 -2.92 20.38 16.31
N LEU A 167 -3.55 20.61 17.45
CA LEU A 167 -3.83 19.52 18.38
C LEU A 167 -4.88 18.60 17.75
N ALA A 168 -4.65 17.30 17.81
CA ALA A 168 -5.58 16.37 17.19
C ALA A 168 -5.84 15.17 18.09
N LEU A 169 -7.12 14.79 18.18
CA LEU A 169 -7.49 13.51 18.79
C LEU A 169 -7.40 12.41 17.76
N GLU A 170 -6.81 11.27 18.14
CA GLU A 170 -6.68 10.11 17.26
C GLU A 170 -7.57 8.98 17.75
N SER A 171 -8.51 8.56 16.90
CA SER A 171 -9.36 7.41 17.19
C SER A 171 -9.13 6.36 16.11
N LYS A 172 -9.04 5.10 16.54
CA LYS A 172 -8.74 4.03 15.61
C LYS A 172 -9.97 3.23 15.20
N GLY A 173 -11.16 3.58 15.71
CA GLY A 173 -12.35 2.89 15.30
C GLY A 173 -12.67 3.18 13.85
N SER A 174 -13.71 2.51 13.37
CA SER A 174 -14.15 2.79 12.02
C SER A 174 -14.65 4.24 11.92
N TRP A 175 -14.54 4.81 10.72
CA TRP A 175 -14.82 6.23 10.53
C TRP A 175 -16.31 6.53 10.74
N PRO A 176 -16.64 7.76 11.16
CA PRO A 176 -18.06 8.09 11.42
C PRO A 176 -18.93 7.98 10.18
N ILE A 177 -20.20 7.59 10.39
CA ILE A 177 -21.10 7.19 9.30
C ILE A 177 -21.20 8.26 8.23
N SER A 178 -21.12 9.53 8.63
CA SER A 178 -21.25 10.62 7.70
C SER A 178 -20.21 10.55 6.58
N THR A 179 -19.14 9.75 6.75
CA THR A 179 -18.13 9.61 5.70
C THR A 179 -18.32 8.38 4.84
N LYS A 180 -19.37 7.59 5.09
CA LYS A 180 -19.47 6.28 4.44
C LYS A 180 -19.51 6.42 2.92
N GLU A 181 -20.18 7.44 2.40
CA GLU A 181 -20.30 7.67 0.96
C GLU A 181 -19.22 8.61 0.43
N GLY A 182 -18.29 9.03 1.29
CA GLY A 182 -17.24 9.94 0.90
C GLY A 182 -16.07 9.18 0.34
N LEU A 183 -15.04 9.94 -0.03
CA LEU A 183 -13.83 9.37 -0.59
C LEU A 183 -14.14 8.46 -1.79
N PRO A 184 -14.78 9.00 -2.84
CA PRO A 184 -15.24 8.15 -3.96
C PRO A 184 -14.14 7.86 -4.97
N ILE A 185 -13.07 7.19 -4.51
CA ILE A 185 -11.89 6.93 -5.31
C ILE A 185 -11.92 5.54 -5.97
N GLN A 186 -13.10 4.90 -6.00
CA GLN A 186 -13.20 3.52 -6.48
C GLN A 186 -12.75 3.38 -7.93
N GLY A 187 -13.07 4.34 -8.79
CA GLY A 187 -12.72 4.19 -10.19
C GLY A 187 -11.38 4.81 -10.54
N TRP A 188 -10.64 5.29 -9.54
CA TRP A 188 -9.42 6.05 -9.73
C TRP A 188 -8.27 5.38 -8.99
N LEU A 189 -8.28 5.39 -7.64
CA LEU A 189 -7.28 4.64 -6.90
C LEU A 189 -7.75 3.24 -6.53
N GLY A 190 -9.06 2.98 -6.50
CA GLY A 190 -9.58 1.63 -6.42
C GLY A 190 -10.10 1.24 -5.04
N THR A 191 -10.68 0.03 -4.96
CA THR A 191 -11.33 -0.39 -3.72
C THR A 191 -10.33 -0.83 -2.64
N LYS A 192 -9.23 -1.50 -3.02
CA LYS A 192 -8.25 -1.87 -2.00
C LYS A 192 -7.63 -0.63 -1.35
N VAL A 193 -7.27 0.39 -2.17
CA VAL A 193 -6.73 1.63 -1.59
C VAL A 193 -7.77 2.28 -0.68
N ARG A 194 -9.04 2.33 -1.10
CA ARG A 194 -10.08 2.91 -0.26
C ARG A 194 -10.29 2.13 1.03
N THR A 195 -10.28 0.80 0.95
CA THR A 195 -10.44 0.00 2.16
C THR A 195 -9.27 0.20 3.12
N ASN A 196 -8.05 0.25 2.58
CA ASN A 196 -6.90 0.46 3.44
C ASN A 196 -6.88 1.87 4.03
N LEU A 197 -7.24 2.88 3.25
CA LEU A 197 -7.21 4.24 3.78
C LEU A 197 -8.19 4.39 4.96
N ARG A 198 -9.38 3.78 4.86
CA ARG A 198 -10.41 3.87 5.88
C ARG A 198 -10.13 2.95 7.06
N ARG A 199 -9.06 2.15 6.99
CA ARG A 199 -8.55 1.38 8.12
C ARG A 199 -7.59 2.19 8.96
N GLU A 200 -7.09 3.30 8.43
CA GLU A 200 -6.27 4.21 9.18
C GLU A 200 -7.15 4.94 10.21
N PRO A 201 -6.55 5.55 11.23
CA PRO A 201 -7.33 6.33 12.19
C PRO A 201 -7.99 7.53 11.52
N PHE A 202 -8.96 8.10 12.23
CA PHE A 202 -9.48 9.40 11.85
C PHE A 202 -9.16 10.38 12.97
N TYR A 203 -9.19 11.67 12.64
CA TYR A 203 -8.72 12.71 13.56
C TYR A 203 -9.82 13.74 13.81
N LEU A 204 -9.78 14.31 15.02
CA LEU A 204 -10.68 15.36 15.46
C LEU A 204 -9.86 16.56 15.91
N VAL A 205 -10.18 17.74 15.39
CA VAL A 205 -9.44 18.94 15.76
C VAL A 205 -10.42 19.91 16.41
N PRO A 206 -9.97 20.78 17.32
CA PRO A 206 -10.91 21.70 17.99
C PRO A 206 -11.46 22.75 17.01
N LYS A 207 -12.78 22.75 16.80
CA LYS A 207 -13.44 23.84 16.06
C LYS A 207 -13.25 25.21 16.73
N PHE A 215 -23.31 24.84 22.39
CA PHE A 215 -22.25 23.84 22.63
C PHE A 215 -20.94 24.28 21.97
N GLN A 216 -20.90 25.54 21.54
CA GLN A 216 -19.82 26.13 20.75
C GLN A 216 -18.44 25.62 21.14
N GLY A 217 -18.06 25.79 22.41
CA GLY A 217 -16.70 25.52 22.78
C GLY A 217 -16.34 24.07 23.05
N GLU A 218 -17.28 23.14 22.92
CA GLU A 218 -16.97 21.73 23.10
C GLU A 218 -16.95 20.94 21.80
N THR A 219 -17.21 21.56 20.65
CA THR A 219 -17.29 20.86 19.38
C THR A 219 -15.91 20.61 18.79
N TRP A 220 -15.77 19.49 18.10
CA TRP A 220 -14.58 19.14 17.33
C TRP A 220 -14.96 18.95 15.88
N ARG A 221 -13.96 19.02 15.01
CA ARG A 221 -14.13 18.86 13.57
C ARG A 221 -13.25 17.73 13.03
N LEU A 222 -13.80 16.92 12.14
CA LEU A 222 -13.05 15.84 11.54
C LEU A 222 -11.91 16.38 10.69
N SER A 223 -10.76 15.71 10.76
CA SER A 223 -9.64 16.01 9.89
C SER A 223 -9.19 14.77 9.14
N PHE A 224 -8.83 14.97 7.87
CA PHE A 224 -8.39 13.92 6.97
C PHE A 224 -7.04 14.26 6.33
N SER A 225 -6.25 15.08 7.00
CA SER A 225 -4.98 15.53 6.45
C SER A 225 -4.06 14.38 6.12
N HIS A 226 -4.14 13.28 6.87
CA HIS A 226 -3.29 12.13 6.58
C HIS A 226 -3.75 11.43 5.30
N THR A 227 -5.07 11.25 5.13
CA THR A 227 -5.58 10.67 3.90
C THR A 227 -5.29 11.56 2.70
N GLU A 228 -5.44 12.88 2.87
CA GLU A 228 -5.14 13.79 1.76
C GLU A 228 -3.66 13.72 1.38
N LYS A 229 -2.78 13.51 2.37
CA LYS A 229 -1.36 13.43 2.11
C LYS A 229 -1.04 12.20 1.27
N TYR A 230 -1.54 11.03 1.68
CA TYR A 230 -1.37 9.82 0.88
C TYR A 230 -1.87 10.03 -0.57
N ILE A 231 -3.10 10.53 -0.74
CA ILE A 231 -3.65 10.73 -2.09
C ILE A 231 -2.75 11.62 -2.93
N LEU A 232 -2.27 12.73 -2.35
CA LEU A 232 -1.45 13.66 -3.13
C LEU A 232 -0.16 12.99 -3.59
N ASN A 233 0.43 12.14 -2.76
CA ASN A 233 1.66 11.46 -3.13
C ASN A 233 1.44 10.12 -3.80
N ASN A 234 0.18 9.72 -3.99
CA ASN A 234 -0.16 8.48 -4.68
C ASN A 234 -1.38 8.72 -5.58
N HIS A 235 -1.27 9.66 -6.53
CA HIS A 235 -2.41 10.30 -7.15
C HIS A 235 -2.86 9.71 -8.50
N GLY A 236 -2.20 8.65 -9.01
CA GLY A 236 -2.44 8.18 -10.36
C GLY A 236 -3.29 6.92 -10.42
N ILE A 237 -3.88 6.67 -11.59
CA ILE A 237 -4.51 5.36 -11.75
C ILE A 237 -3.44 4.30 -11.97
N GLU A 238 -2.33 4.66 -12.62
CA GLU A 238 -1.19 3.77 -12.76
C GLU A 238 -0.25 3.95 -11.56
N LYS A 239 0.22 2.83 -11.04
CA LYS A 239 1.13 2.89 -9.90
C LYS A 239 2.41 3.66 -10.22
N THR A 240 2.84 3.69 -11.50
CA THR A 240 4.10 4.34 -11.84
C THR A 240 3.95 5.83 -12.10
N CYS A 241 2.76 6.39 -11.92
CA CYS A 241 2.55 7.79 -12.24
C CYS A 241 3.56 8.65 -11.51
N CYS A 242 4.30 9.46 -12.28
CA CYS A 242 5.27 10.44 -11.78
C CYS A 242 6.49 9.80 -11.10
N GLU A 243 6.71 8.51 -11.32
CA GLU A 243 7.85 7.77 -10.80
C GLU A 243 8.96 7.71 -11.83
N SER A 244 10.15 7.30 -11.37
CA SER A 244 11.33 7.34 -12.23
C SER A 244 11.25 6.35 -13.40
N SER A 245 10.35 5.36 -13.37
CA SER A 245 10.14 4.50 -14.53
C SER A 245 8.70 4.60 -15.03
N GLY A 246 8.09 5.76 -14.89
CA GLY A 246 6.74 5.95 -15.36
C GLY A 246 6.59 7.32 -15.99
N ALA A 247 5.38 7.74 -16.25
CA ALA A 247 5.18 8.96 -17.01
C ALA A 247 4.82 10.07 -16.05
N LYS A 248 5.31 11.26 -16.35
CA LYS A 248 4.95 12.44 -15.59
C LYS A 248 3.50 12.82 -15.88
N CYS A 249 2.78 13.29 -14.86
CA CYS A 249 1.46 13.88 -15.06
C CYS A 249 1.53 15.35 -14.64
N CYS A 250 0.41 16.08 -14.83
CA CYS A 250 0.38 17.49 -14.42
C CYS A 250 -0.68 17.76 -13.36
N ARG A 251 -1.08 16.73 -12.60
CA ARG A 251 -2.09 16.91 -11.56
C ARG A 251 -1.63 17.94 -10.52
N LYS A 252 -0.46 17.72 -9.90
CA LYS A 252 0.04 18.65 -8.89
C LYS A 252 0.31 20.04 -9.46
N GLU A 253 0.80 20.11 -10.70
CA GLU A 253 1.08 21.41 -11.31
C GLU A 253 -0.20 22.23 -11.47
N CYS A 254 -1.29 21.58 -11.86
CA CYS A 254 -2.60 22.24 -11.90
C CYS A 254 -3.02 22.70 -10.52
N LEU A 255 -2.81 21.86 -9.51
CA LEU A 255 -3.15 22.30 -8.16
C LEU A 255 -2.35 23.56 -7.80
N LYS A 256 -1.07 23.60 -8.16
CA LYS A 256 -0.25 24.76 -7.84
C LYS A 256 -0.76 26.02 -8.52
N LEU A 257 -1.16 25.92 -9.79
CA LEU A 257 -1.61 27.11 -10.51
C LEU A 257 -2.90 27.64 -9.89
N MET A 258 -3.79 26.72 -9.49
CA MET A 258 -5.04 27.13 -8.87
C MET A 258 -4.77 27.78 -7.50
N LYS A 259 -3.93 27.14 -6.69
CA LYS A 259 -3.53 27.72 -5.41
C LYS A 259 -3.01 29.14 -5.60
N TYR A 260 -2.16 29.33 -6.62
CA TYR A 260 -1.51 30.62 -6.86
C TYR A 260 -2.51 31.67 -7.33
N LEU A 261 -3.46 31.27 -8.18
CA LEU A 261 -4.51 32.19 -8.56
C LEU A 261 -5.30 32.65 -7.34
N LEU A 262 -5.62 31.73 -6.42
CA LEU A 262 -6.40 32.14 -5.26
C LEU A 262 -5.56 33.03 -4.35
N GLU A 263 -4.32 32.62 -4.08
CA GLU A 263 -3.44 33.39 -3.20
C GLU A 263 -3.25 34.82 -3.69
N GLN A 264 -2.94 34.97 -4.99
CA GLN A 264 -2.79 36.30 -5.58
C GLN A 264 -4.06 37.11 -5.39
N LEU A 265 -5.22 36.52 -5.72
CA LEU A 265 -6.45 37.29 -5.62
C LEU A 265 -6.76 37.64 -4.17
N LYS A 266 -6.47 36.70 -3.25
CA LYS A 266 -6.79 36.90 -1.84
C LYS A 266 -5.95 37.98 -1.19
N LYS A 267 -4.72 38.21 -1.65
CA LYS A 267 -3.90 39.23 -1.01
C LYS A 267 -4.18 40.61 -1.55
N GLU A 268 -4.97 40.70 -2.62
CA GLU A 268 -5.43 41.94 -3.20
C GLU A 268 -6.81 42.35 -2.68
N PHE A 269 -7.76 41.40 -2.57
CA PHE A 269 -9.16 41.74 -2.35
C PHE A 269 -9.65 41.07 -1.08
N GLN A 270 -9.99 41.87 -0.06
CA GLN A 270 -10.47 41.28 1.17
C GLN A 270 -11.92 40.77 1.05
N GLU A 271 -12.60 41.12 -0.05
CA GLU A 271 -13.83 40.43 -0.44
C GLU A 271 -13.68 38.92 -0.46
N LEU A 272 -12.47 38.40 -0.63
CA LEU A 272 -12.25 36.95 -0.75
C LEU A 272 -11.84 36.30 0.58
N ASP A 273 -12.04 36.99 1.70
CA ASP A 273 -11.62 36.47 3.00
C ASP A 273 -12.25 35.12 3.31
N ALA A 274 -13.47 34.87 2.83
CA ALA A 274 -14.14 33.61 3.10
C ALA A 274 -13.51 32.43 2.37
N PHE A 275 -12.68 32.67 1.37
CA PHE A 275 -12.13 31.57 0.58
C PHE A 275 -10.75 31.17 1.09
N CYS A 276 -10.39 29.89 0.86
CA CYS A 276 -9.11 29.40 1.35
C CYS A 276 -8.63 28.24 0.47
N SER A 277 -7.36 27.89 0.62
CA SER A 277 -6.79 26.90 -0.28
C SER A 277 -7.47 25.54 -0.16
N TYR A 278 -8.13 25.25 0.96
CA TYR A 278 -8.82 23.96 1.07
C TYR A 278 -9.99 23.85 0.10
N HIS A 279 -10.53 24.97 -0.35
CA HIS A 279 -11.59 24.92 -1.35
C HIS A 279 -11.01 24.47 -2.69
N VAL A 280 -9.84 25.01 -3.03
CA VAL A 280 -9.13 24.59 -4.22
C VAL A 280 -8.77 23.11 -4.14
N LYS A 281 -8.25 22.67 -2.98
CA LYS A 281 -7.84 21.28 -2.80
C LYS A 281 -9.05 20.35 -2.93
N THR A 282 -10.16 20.72 -2.29
CA THR A 282 -11.37 19.91 -2.42
C THR A 282 -11.81 19.82 -3.88
N ALA A 283 -11.84 20.95 -4.58
CA ALA A 283 -12.34 20.90 -5.95
C ALA A 283 -11.47 20.00 -6.83
N ILE A 284 -10.15 20.10 -6.70
CA ILE A 284 -9.33 19.28 -7.59
C ILE A 284 -9.41 17.78 -7.23
N PHE A 285 -9.67 17.43 -5.95
CA PHE A 285 -9.97 16.03 -5.63
C PHE A 285 -11.18 15.55 -6.41
N HIS A 286 -12.21 16.39 -6.56
CA HIS A 286 -13.37 16.00 -7.35
C HIS A 286 -13.02 15.89 -8.82
N MET A 287 -12.21 16.83 -9.34
CA MET A 287 -11.77 16.75 -10.74
C MET A 287 -11.01 15.47 -10.98
N TRP A 288 -10.07 15.15 -10.08
CA TRP A 288 -9.28 13.93 -10.22
C TRP A 288 -10.17 12.69 -10.25
N THR A 289 -11.32 12.74 -9.57
CA THR A 289 -12.28 11.63 -9.60
C THR A 289 -13.06 11.62 -10.90
N GLN A 290 -13.49 12.79 -11.33
CA GLN A 290 -14.19 12.91 -12.60
C GLN A 290 -13.32 12.44 -13.77
N ASP A 291 -12.02 12.75 -13.73
CA ASP A 291 -11.06 12.45 -14.80
C ASP A 291 -9.99 11.50 -14.26
N PRO A 292 -10.31 10.22 -14.11
CA PRO A 292 -9.39 9.34 -13.36
C PRO A 292 -8.13 8.96 -14.13
N GLN A 293 -8.17 8.95 -15.46
CA GLN A 293 -7.06 8.43 -16.26
C GLN A 293 -5.85 9.35 -16.18
N ASP A 294 -4.66 8.76 -16.13
CA ASP A 294 -3.44 9.56 -16.17
C ASP A 294 -3.31 10.31 -17.50
N SER A 295 -3.84 9.75 -18.60
CA SER A 295 -3.74 10.44 -19.87
C SER A 295 -4.63 11.68 -19.93
N GLN A 296 -5.61 11.80 -19.05
CA GLN A 296 -6.32 13.07 -18.95
C GLN A 296 -5.56 14.12 -18.17
N TRP A 297 -4.30 13.85 -17.81
CA TRP A 297 -3.45 14.82 -17.13
C TRP A 297 -2.05 14.75 -17.73
N ASP A 298 -1.99 14.71 -19.05
CA ASP A 298 -0.73 14.80 -19.77
C ASP A 298 -0.07 16.16 -19.54
N PRO A 299 1.24 16.21 -19.25
CA PRO A 299 1.92 17.51 -19.13
C PRO A 299 1.79 18.41 -20.35
N ARG A 300 1.63 17.83 -21.54
CA ARG A 300 1.49 18.64 -22.74
C ARG A 300 0.18 19.40 -22.75
N ASN A 301 -0.85 18.89 -22.07
CA ASN A 301 -2.17 19.52 -22.04
C ASN A 301 -2.39 20.33 -20.76
N LEU A 302 -1.32 20.89 -20.17
CA LEU A 302 -1.43 21.64 -18.91
C LEU A 302 -2.41 22.80 -19.03
N SER A 303 -2.49 23.45 -20.20
CA SER A 303 -3.42 24.58 -20.38
C SER A 303 -4.87 24.11 -20.32
N SER A 304 -5.20 23.05 -21.07
CA SER A 304 -6.55 22.51 -21.00
C SER A 304 -6.85 21.97 -19.62
N CYS A 305 -5.90 21.28 -19.00
CA CYS A 305 -6.14 20.69 -17.68
C CYS A 305 -6.44 21.78 -16.66
N PHE A 306 -5.65 22.86 -16.69
CA PHE A 306 -5.91 23.98 -15.79
C PHE A 306 -7.24 24.64 -16.14
N ASP A 307 -7.52 24.82 -17.44
CA ASP A 307 -8.76 25.47 -17.83
C ASP A 307 -9.99 24.68 -17.39
N LYS A 308 -9.97 23.35 -17.52
CA LYS A 308 -11.15 22.59 -17.11
C LYS A 308 -11.30 22.59 -15.60
N LEU A 309 -10.19 22.70 -14.86
CA LEU A 309 -10.31 22.90 -13.43
C LEU A 309 -10.93 24.27 -13.12
N LEU A 310 -10.50 25.32 -13.85
CA LEU A 310 -11.11 26.63 -13.66
C LEU A 310 -12.61 26.58 -13.91
N ALA A 311 -13.02 25.95 -15.01
CA ALA A 311 -14.44 25.84 -15.32
C ALA A 311 -15.21 25.08 -14.23
N PHE A 312 -14.63 23.98 -13.71
CA PHE A 312 -15.33 23.23 -12.67
C PHE A 312 -15.49 24.08 -11.42
N PHE A 313 -14.46 24.83 -11.05
CA PHE A 313 -14.53 25.68 -9.87
C PHE A 313 -15.56 26.81 -10.05
N LEU A 314 -15.64 27.39 -11.26
CA LEU A 314 -16.67 28.40 -11.54
C LEU A 314 -18.07 27.82 -11.43
N GLU A 315 -18.27 26.59 -11.90
CA GLU A 315 -19.57 25.95 -11.74
C GLU A 315 -19.93 25.76 -10.27
N CYS A 316 -18.94 25.36 -9.44
CA CYS A 316 -19.19 25.19 -8.01
C CYS A 316 -19.59 26.49 -7.36
N LEU A 317 -18.94 27.59 -7.74
CA LEU A 317 -19.25 28.91 -7.20
C LEU A 317 -20.66 29.32 -7.60
N ARG A 318 -21.00 29.20 -8.88
CA ARG A 318 -22.28 29.74 -9.34
C ARG A 318 -23.45 28.88 -8.87
N THR A 319 -23.29 27.56 -8.84
CA THR A 319 -24.32 26.70 -8.27
C THR A 319 -24.22 26.60 -6.75
N GLU A 320 -23.26 27.28 -6.11
CA GLU A 320 -23.16 27.31 -4.65
C GLU A 320 -22.99 25.91 -4.07
N LYS A 321 -22.22 25.06 -4.75
CA LYS A 321 -22.14 23.65 -4.34
C LYS A 321 -20.70 23.16 -4.47
N LEU A 322 -20.08 22.85 -3.34
CA LEU A 322 -18.77 22.19 -3.32
C LEU A 322 -18.76 21.26 -2.11
N ASP A 323 -19.02 19.98 -2.35
CA ASP A 323 -19.10 19.01 -1.26
C ASP A 323 -17.72 18.65 -0.74
N HIS A 324 -17.56 18.67 0.57
CA HIS A 324 -16.43 18.05 1.21
C HIS A 324 -16.17 16.70 0.59
N TYR A 325 -14.90 16.44 0.23
CA TYR A 325 -14.55 15.18 -0.42
C TYR A 325 -14.82 14.00 0.50
N PHE A 326 -14.65 14.19 1.80
CA PHE A 326 -14.78 13.07 2.73
C PHE A 326 -16.13 13.01 3.40
N ILE A 327 -16.88 14.11 3.41
CA ILE A 327 -18.15 14.18 4.11
C ILE A 327 -19.15 14.75 3.12
N PRO A 328 -19.80 13.90 2.32
CA PRO A 328 -20.56 14.42 1.16
C PRO A 328 -21.72 15.34 1.50
N LYS A 329 -22.33 15.23 2.68
CA LYS A 329 -23.47 16.10 2.95
C LYS A 329 -23.05 17.49 3.39
N PHE A 330 -21.75 17.75 3.50
CA PHE A 330 -21.22 19.03 3.95
C PHE A 330 -20.79 19.84 2.74
N ASN A 331 -21.52 20.93 2.46
CA ASN A 331 -21.33 21.78 1.29
C ASN A 331 -20.55 23.02 1.72
N LEU A 332 -19.25 23.07 1.38
CA LEU A 332 -18.38 24.17 1.77
C LEU A 332 -18.80 25.50 1.14
N PHE A 333 -19.65 25.49 0.12
CA PHE A 333 -20.13 26.71 -0.52
C PHE A 333 -21.60 27.00 -0.23
N SER A 334 -22.20 26.33 0.76
CA SER A 334 -23.57 26.66 1.14
C SER A 334 -23.68 28.15 1.47
N GLN A 335 -24.88 28.69 1.30
CA GLN A 335 -25.09 30.10 1.58
C GLN A 335 -24.77 30.43 3.04
N GLU A 336 -24.95 29.48 3.96
CA GLU A 336 -24.68 29.77 5.36
C GLU A 336 -23.19 29.93 5.64
N LEU A 337 -22.32 29.45 4.75
CA LEU A 337 -20.89 29.59 4.97
C LEU A 337 -20.30 30.75 4.19
N ILE A 338 -20.73 30.95 2.95
CA ILE A 338 -20.19 32.01 2.10
C ILE A 338 -21.37 32.68 1.40
N ASP A 339 -21.44 34.00 1.51
CA ASP A 339 -22.54 34.75 0.91
C ASP A 339 -22.43 34.77 -0.61
N ARG A 340 -23.59 34.81 -1.27
CA ARG A 340 -23.64 34.74 -2.74
C ARG A 340 -22.76 35.81 -3.39
N LYS A 341 -22.78 37.04 -2.84
CA LYS A 341 -21.99 38.10 -3.43
C LYS A 341 -20.50 37.76 -3.43
N SER A 342 -20.00 37.18 -2.33
CA SER A 342 -18.60 36.77 -2.31
C SER A 342 -18.32 35.80 -3.44
N LYS A 343 -19.22 34.85 -3.69
CA LYS A 343 -19.00 33.87 -4.75
C LYS A 343 -19.09 34.51 -6.13
N GLU A 344 -20.09 35.38 -6.35
CA GLU A 344 -20.17 36.11 -7.62
C GLU A 344 -18.91 36.95 -7.85
N PHE A 345 -18.40 37.59 -6.79
CA PHE A 345 -17.17 38.38 -6.90
C PHE A 345 -16.00 37.52 -7.36
N LEU A 346 -15.83 36.33 -6.76
CA LEU A 346 -14.72 35.47 -7.16
C LEU A 346 -14.94 34.87 -8.55
N SER A 347 -16.18 34.60 -8.92
CA SER A 347 -16.46 34.11 -10.28
C SER A 347 -16.02 35.12 -11.33
N LYS A 348 -16.32 36.40 -11.11
CA LYS A 348 -15.96 37.42 -12.07
C LYS A 348 -14.44 37.58 -12.15
N LYS A 349 -13.76 37.58 -11.00
CA LYS A 349 -12.30 37.73 -11.02
C LYS A 349 -11.61 36.54 -11.68
N ILE A 350 -12.14 35.32 -11.48
CA ILE A 350 -11.61 34.15 -12.17
C ILE A 350 -11.88 34.24 -13.67
N GLU A 351 -13.13 34.47 -14.05
CA GLU A 351 -13.47 34.59 -15.46
C GLU A 351 -12.66 35.68 -16.13
N TYR A 352 -12.40 36.79 -15.42
CA TYR A 352 -11.58 37.85 -15.99
C TYR A 352 -10.15 37.38 -16.25
N GLU A 353 -9.49 36.85 -15.21
CA GLU A 353 -8.14 36.33 -15.38
C GLU A 353 -8.07 35.34 -16.54
N ARG A 354 -9.09 34.48 -16.64
CA ARG A 354 -9.13 33.44 -17.65
C ARG A 354 -9.11 34.01 -19.06
N ASN A 355 -9.82 35.12 -19.30
CA ASN A 355 -10.03 35.66 -20.64
C ASN A 355 -9.03 36.74 -21.01
N ASN A 356 -8.02 36.98 -20.18
CA ASN A 356 -7.14 38.10 -20.44
C ASN A 356 -5.68 37.71 -20.20
N GLY A 357 -5.35 36.42 -20.30
CA GLY A 357 -3.98 35.98 -20.21
C GLY A 357 -3.41 35.87 -18.82
N PHE A 358 -4.26 35.71 -17.80
CA PHE A 358 -3.88 35.67 -16.39
C PHE A 358 -2.86 36.76 -16.07
N PRO A 359 -3.21 38.04 -16.27
CA PRO A 359 -2.29 39.12 -15.87
C PRO A 359 -1.85 39.06 -14.42
N ILE A 360 -2.65 38.46 -13.54
CA ILE A 360 -2.29 38.38 -12.12
C ILE A 360 -1.15 37.41 -11.85
N PHE A 361 -0.83 36.53 -12.80
CA PHE A 361 0.34 35.67 -12.63
C PHE A 361 1.64 36.45 -12.75
N ASP A 362 1.62 37.63 -13.38
CA ASP A 362 2.78 38.50 -13.48
C ASP A 362 2.88 39.49 -12.33
N LYS A 363 1.87 39.54 -11.48
CA LYS A 363 1.81 40.58 -10.46
C LYS A 363 2.92 40.41 -9.45
N LEU A 364 3.29 41.54 -8.83
CA LEU A 364 4.22 41.66 -7.70
C LEU A 364 5.67 41.71 -8.20
N LYS B 6 -13.97 -22.49 -25.83
CA LYS B 6 -12.64 -23.00 -26.19
C LYS B 6 -11.69 -22.97 -24.97
N LEU B 7 -10.77 -22.02 -24.97
CA LEU B 7 -10.00 -21.73 -23.76
C LEU B 7 -10.94 -21.28 -22.62
N LYS B 8 -12.03 -20.58 -22.95
CA LYS B 8 -13.05 -20.33 -21.93
C LYS B 8 -13.61 -21.63 -21.38
N LYS B 9 -13.91 -22.59 -22.25
CA LYS B 9 -14.45 -23.87 -21.79
C LYS B 9 -13.45 -24.62 -20.92
N VAL B 10 -12.16 -24.54 -21.24
CA VAL B 10 -11.17 -25.17 -20.39
C VAL B 10 -11.17 -24.49 -19.01
N LEU B 11 -11.25 -23.16 -19.00
CA LEU B 11 -11.23 -22.43 -17.74
C LEU B 11 -12.47 -22.74 -16.90
N ASP B 12 -13.61 -22.99 -17.57
CA ASP B 12 -14.82 -23.39 -16.84
C ASP B 12 -14.62 -24.74 -16.16
N LYS B 13 -13.90 -25.65 -16.83
CA LYS B 13 -13.62 -26.95 -16.21
C LYS B 13 -12.67 -26.82 -15.03
N LEU B 14 -11.65 -25.96 -15.16
CA LEU B 14 -10.66 -25.78 -14.10
C LEU B 14 -11.20 -25.03 -12.89
N ARG B 15 -12.30 -24.29 -13.03
CA ARG B 15 -12.84 -23.52 -11.93
C ARG B 15 -13.21 -24.41 -10.75
N LEU B 16 -12.69 -24.06 -9.57
CA LEU B 16 -13.09 -24.75 -8.36
C LEU B 16 -14.56 -24.48 -8.07
N LYS B 17 -15.21 -25.46 -7.43
CA LYS B 17 -16.61 -25.34 -7.06
C LYS B 17 -16.75 -24.77 -5.66
N ARG B 18 -17.70 -23.83 -5.51
CA ARG B 18 -17.92 -23.20 -4.22
C ARG B 18 -18.10 -24.22 -3.09
N LYS B 19 -18.86 -25.30 -3.38
CA LYS B 19 -19.08 -26.35 -2.39
C LYS B 19 -17.78 -27.03 -1.99
N ASP B 20 -16.93 -27.39 -2.97
CA ASP B 20 -15.71 -28.12 -2.66
C ASP B 20 -14.75 -27.25 -1.84
N ILE B 21 -14.66 -25.96 -2.18
CA ILE B 21 -13.85 -25.01 -1.42
C ILE B 21 -14.29 -24.99 0.04
N SER B 22 -15.60 -24.96 0.28
CA SER B 22 -16.11 -24.84 1.65
C SER B 22 -15.74 -26.07 2.48
N GLU B 23 -15.98 -27.26 1.94
CA GLU B 23 -15.70 -28.50 2.66
C GLU B 23 -14.21 -28.68 2.93
N ALA B 24 -13.37 -28.43 1.91
CA ALA B 24 -11.94 -28.66 2.08
C ALA B 24 -11.35 -27.67 3.05
N ALA B 25 -11.75 -26.39 2.95
CA ALA B 25 -11.18 -25.37 3.82
C ALA B 25 -11.54 -25.61 5.28
N GLU B 26 -12.75 -26.11 5.55
CA GLU B 26 -13.13 -26.25 6.94
C GLU B 26 -12.36 -27.39 7.60
N THR B 27 -12.10 -28.47 6.86
CA THR B 27 -11.24 -29.54 7.35
C THR B 27 -9.80 -29.07 7.49
N VAL B 28 -9.23 -28.47 6.43
CA VAL B 28 -7.84 -28.02 6.47
C VAL B 28 -7.63 -27.07 7.65
N ASN B 29 -8.58 -26.16 7.88
CA ASN B 29 -8.38 -25.17 8.94
C ASN B 29 -8.42 -25.82 10.32
N LYS B 30 -9.22 -26.87 10.49
CA LYS B 30 -9.23 -27.60 11.76
C LYS B 30 -7.84 -28.14 12.07
N VAL B 31 -7.21 -28.80 11.09
CA VAL B 31 -5.93 -29.45 11.34
C VAL B 31 -4.85 -28.40 11.56
N VAL B 32 -4.77 -27.40 10.68
CA VAL B 32 -3.75 -26.36 10.78
C VAL B 32 -3.87 -25.60 12.10
N GLU B 33 -5.09 -25.29 12.52
CA GLU B 33 -5.25 -24.57 13.78
C GLU B 33 -4.67 -25.36 14.94
N ARG B 34 -5.00 -26.67 14.99
CA ARG B 34 -4.55 -27.52 16.07
C ARG B 34 -3.03 -27.69 16.08
N LEU B 35 -2.41 -27.84 14.92
CA LEU B 35 -0.96 -27.93 14.90
C LEU B 35 -0.32 -26.63 15.37
N LEU B 36 -0.87 -25.50 14.92
CA LEU B 36 -0.33 -24.21 15.31
C LEU B 36 -0.45 -23.98 16.81
N ARG B 37 -1.57 -24.38 17.41
CA ARG B 37 -1.73 -24.27 18.86
C ARG B 37 -0.66 -25.08 19.57
N ARG B 38 -0.37 -26.29 19.06
CA ARG B 38 0.61 -27.15 19.71
C ARG B 38 2.01 -26.52 19.71
N MET B 39 2.39 -25.85 18.62
CA MET B 39 3.71 -25.23 18.58
C MET B 39 3.83 -24.11 19.61
N GLN B 40 2.72 -23.44 19.95
CA GLN B 40 2.74 -22.40 20.96
C GLN B 40 2.70 -22.97 22.36
N LYS B 41 1.70 -23.79 22.63
CA LYS B 41 1.49 -24.38 23.96
C LYS B 41 2.56 -25.45 24.19
N ARG B 42 3.70 -25.03 24.78
CA ARG B 42 4.70 -25.97 25.29
C ARG B 42 5.91 -25.29 25.90
N GLU B 43 6.92 -26.08 26.28
CA GLU B 43 8.34 -25.72 26.17
C GLU B 43 8.83 -25.96 24.75
N SER B 44 7.98 -25.69 23.76
CA SER B 44 8.34 -25.92 22.38
C SER B 44 9.33 -24.87 21.95
N GLU B 45 10.39 -25.30 21.26
CA GLU B 45 11.37 -24.35 20.76
C GLU B 45 10.85 -23.54 19.58
N PHE B 46 9.69 -23.92 19.04
CA PHE B 46 9.01 -23.16 18.01
C PHE B 46 7.88 -22.31 18.56
N LYS B 47 7.88 -22.05 19.87
CA LYS B 47 6.89 -21.14 20.43
C LYS B 47 7.08 -19.75 19.81
N GLY B 48 6.00 -19.22 19.25
CA GLY B 48 6.05 -17.97 18.53
C GLY B 48 5.76 -18.07 17.04
N VAL B 49 5.75 -19.28 16.46
CA VAL B 49 5.47 -19.39 15.03
C VAL B 49 4.11 -18.77 14.73
N GLU B 50 4.04 -17.99 13.67
CA GLU B 50 2.77 -17.47 13.18
C GLU B 50 2.46 -18.09 11.83
N GLN B 51 1.19 -18.12 11.50
CA GLN B 51 0.75 -18.76 10.26
C GLN B 51 0.80 -17.76 9.10
N LEU B 52 1.16 -18.26 7.92
CA LEU B 52 1.14 -17.45 6.71
C LEU B 52 0.69 -18.36 5.56
N ASN B 53 -0.52 -18.11 5.04
CA ASN B 53 -1.06 -18.94 3.96
C ASN B 53 -0.50 -18.46 2.62
N THR B 54 0.03 -19.40 1.82
CA THR B 54 0.76 -19.09 0.58
C THR B 54 0.35 -20.03 -0.56
N GLY B 55 0.91 -19.82 -1.75
CA GLY B 55 0.64 -20.72 -2.87
C GLY B 55 -0.72 -20.51 -3.54
N SER B 56 -1.06 -21.42 -4.45
CA SER B 56 -2.06 -21.11 -5.46
C SER B 56 -3.46 -21.00 -4.89
N TYR B 57 -3.82 -21.82 -3.88
CA TYR B 57 -5.17 -21.73 -3.33
C TYR B 57 -5.42 -20.33 -2.77
N TYR B 58 -4.44 -19.76 -2.09
CA TYR B 58 -4.59 -18.46 -1.46
C TYR B 58 -4.27 -17.31 -2.40
N GLU B 59 -3.64 -17.58 -3.54
CA GLU B 59 -3.47 -16.61 -4.64
C GLU B 59 -4.63 -16.63 -5.62
N HIS B 60 -5.58 -17.56 -5.47
CA HIS B 60 -6.73 -17.73 -6.37
C HIS B 60 -6.33 -18.17 -7.78
N VAL B 61 -5.30 -19.02 -7.88
CA VAL B 61 -4.96 -19.63 -9.15
C VAL B 61 -4.86 -21.15 -9.00
N LYS B 62 -5.50 -21.70 -7.97
CA LYS B 62 -5.64 -23.15 -7.88
C LYS B 62 -6.61 -23.62 -8.96
N ILE B 63 -6.34 -24.79 -9.53
CA ILE B 63 -7.14 -25.31 -10.62
C ILE B 63 -7.65 -26.72 -10.26
N SER B 64 -8.79 -27.07 -10.88
CA SER B 64 -9.39 -28.41 -10.87
C SER B 64 -10.07 -28.77 -9.56
N ALA B 65 -9.36 -28.69 -8.44
CA ALA B 65 -9.94 -29.10 -7.18
C ALA B 65 -9.14 -28.43 -6.06
N PRO B 66 -9.78 -28.12 -4.94
CA PRO B 66 -9.01 -27.60 -3.78
C PRO B 66 -8.35 -28.74 -3.01
N ASN B 67 -7.34 -29.36 -3.63
CA ASN B 67 -6.70 -30.54 -3.03
C ASN B 67 -5.25 -30.33 -2.63
N GLN B 68 -4.77 -29.09 -2.63
CA GLN B 68 -3.39 -28.83 -2.23
C GLN B 68 -3.30 -27.43 -1.61
N PHE B 69 -2.78 -27.37 -0.37
CA PHE B 69 -2.74 -26.17 0.46
C PHE B 69 -1.33 -25.97 0.99
N ASN B 70 -0.87 -24.72 0.95
CA ASN B 70 0.49 -24.38 1.34
C ASN B 70 0.45 -23.43 2.51
N VAL B 71 1.12 -23.80 3.61
CA VAL B 71 1.08 -23.02 4.84
C VAL B 71 2.50 -22.90 5.38
N MET B 72 2.90 -21.68 5.72
CA MET B 72 4.17 -21.43 6.40
C MET B 72 3.91 -21.15 7.88
N PHE B 73 4.68 -21.83 8.74
CA PHE B 73 4.78 -21.47 10.15
C PHE B 73 6.09 -20.71 10.27
N LYS B 74 6.01 -19.38 10.34
CA LYS B 74 7.19 -18.54 10.32
C LYS B 74 7.65 -18.21 11.72
N LEU B 75 8.95 -18.26 11.95
CA LEU B 75 9.51 -18.01 13.26
C LEU B 75 10.50 -16.86 13.17
N GLU B 76 10.18 -15.75 13.82
CA GLU B 76 11.09 -14.62 13.88
C GLU B 76 12.33 -14.99 14.70
N VAL B 77 13.50 -14.75 14.13
CA VAL B 77 14.76 -15.03 14.82
C VAL B 77 15.62 -13.78 14.86
N PRO B 78 16.33 -13.52 15.96
CA PRO B 78 16.98 -12.21 16.13
C PRO B 78 18.22 -12.01 15.27
N ARG B 79 19.33 -11.65 15.90
CA ARG B 79 20.54 -11.28 15.17
C ARG B 79 21.18 -12.50 14.53
N ILE B 80 20.76 -12.84 13.32
CA ILE B 80 21.38 -13.93 12.55
C ILE B 80 22.20 -13.35 11.41
N GLU B 81 23.33 -13.99 11.12
CA GLU B 81 24.17 -13.65 9.99
C GLU B 81 24.05 -14.75 8.95
N LEU B 82 23.95 -14.36 7.68
CA LEU B 82 23.87 -15.32 6.59
C LEU B 82 25.21 -15.40 5.88
N GLN B 83 25.58 -16.62 5.48
CA GLN B 83 26.69 -16.82 4.56
C GLN B 83 26.15 -17.48 3.32
N GLU B 84 26.46 -16.91 2.15
CA GLU B 84 25.96 -17.47 0.91
C GLU B 84 26.68 -18.77 0.60
N TYR B 85 25.92 -19.79 0.22
CA TYR B 85 26.45 -21.12 -0.01
C TYR B 85 26.90 -21.21 -1.46
N TYR B 86 28.21 -21.07 -1.67
CA TYR B 86 28.84 -21.40 -2.96
C TYR B 86 28.23 -20.64 -4.13
N GLU B 87 27.95 -19.35 -3.93
CA GLU B 87 27.56 -18.42 -4.98
C GLU B 87 26.21 -18.79 -5.64
N THR B 88 25.47 -19.72 -5.05
CA THR B 88 24.20 -20.19 -5.62
C THR B 88 23.12 -19.12 -5.62
N GLY B 89 23.24 -18.10 -4.78
CA GLY B 89 22.23 -17.06 -4.69
C GLY B 89 21.13 -17.32 -3.70
N ALA B 90 20.49 -18.49 -3.81
CA ALA B 90 19.29 -18.83 -3.06
C ALA B 90 19.56 -19.63 -1.79
N PHE B 91 20.79 -20.14 -1.61
CA PHE B 91 21.12 -21.08 -0.53
C PHE B 91 22.13 -20.45 0.41
N TYR B 92 21.88 -20.58 1.71
CA TYR B 92 22.64 -19.90 2.75
C TYR B 92 22.84 -20.82 3.94
N LEU B 93 23.98 -20.65 4.61
CA LEU B 93 24.14 -21.12 5.99
C LEU B 93 23.73 -20.00 6.93
N VAL B 94 23.24 -20.37 8.11
CA VAL B 94 22.71 -19.43 9.09
C VAL B 94 23.55 -19.50 10.37
N LYS B 95 23.91 -18.34 10.93
CA LYS B 95 24.71 -18.25 12.15
C LYS B 95 24.17 -17.16 13.06
N PHE B 96 24.74 -17.05 14.27
CA PHE B 96 24.38 -15.96 15.20
C PHE B 96 25.58 -15.07 15.59
N PRO B 104 16.41 -21.24 23.57
CA PRO B 104 15.40 -22.00 22.82
C PRO B 104 16.01 -22.92 21.75
N LEU B 105 16.51 -22.28 20.68
CA LEU B 105 17.02 -22.93 19.48
C LEU B 105 18.40 -23.57 19.67
N SER B 106 18.99 -23.51 20.86
CA SER B 106 20.31 -24.09 21.07
C SER B 106 20.33 -25.57 20.72
N HIS B 107 19.16 -26.23 20.81
CA HIS B 107 19.05 -27.65 20.54
C HIS B 107 19.35 -28.01 19.09
N PHE B 108 19.41 -27.01 18.18
CA PHE B 108 19.65 -27.23 16.77
C PHE B 108 20.92 -26.59 16.24
N LEU B 109 21.71 -25.94 17.09
CA LEU B 109 22.96 -25.35 16.63
C LEU B 109 23.96 -26.42 16.21
N GLU B 110 25.09 -25.96 15.67
CA GLU B 110 26.25 -26.82 15.49
C GLU B 110 27.52 -26.11 15.92
N GLY B 111 28.47 -25.94 15.00
CA GLY B 111 29.58 -25.04 15.27
C GLY B 111 29.24 -23.66 14.75
N GLU B 112 28.43 -22.91 15.50
CA GLU B 112 27.90 -21.59 15.18
C GLU B 112 26.77 -21.67 14.15
N VAL B 113 26.43 -22.87 13.65
CA VAL B 113 25.55 -22.99 12.47
C VAL B 113 24.22 -23.62 12.86
N LEU B 114 23.14 -22.95 12.50
CA LEU B 114 21.79 -23.43 12.74
C LEU B 114 21.40 -24.42 11.65
N SER B 115 21.24 -25.70 12.04
CA SER B 115 21.07 -26.80 11.10
C SER B 115 19.62 -26.89 10.61
N ALA B 116 19.43 -26.80 9.30
CA ALA B 116 18.10 -26.97 8.74
C ALA B 116 17.55 -28.36 9.04
N THR B 117 18.35 -29.41 8.78
CA THR B 117 17.90 -30.77 9.00
C THR B 117 17.50 -31.02 10.46
N LYS B 118 18.31 -30.51 11.39
CA LYS B 118 18.04 -30.80 12.79
C LYS B 118 16.80 -30.07 13.28
N MET B 119 16.58 -28.83 12.79
CA MET B 119 15.38 -28.08 13.19
C MET B 119 14.13 -28.66 12.53
N LEU B 120 14.18 -28.91 11.23
CA LEU B 120 13.07 -29.57 10.54
C LEU B 120 12.67 -30.86 11.23
N SER B 121 13.66 -31.69 11.60
CA SER B 121 13.38 -32.97 12.23
C SER B 121 12.54 -32.81 13.51
N LYS B 122 12.89 -31.86 14.38
CA LYS B 122 12.08 -31.69 15.58
C LYS B 122 10.69 -31.16 15.22
N PHE B 123 10.65 -30.11 14.40
CA PHE B 123 9.40 -29.62 13.81
C PHE B 123 8.57 -30.78 13.28
N ARG B 124 9.18 -31.63 12.46
CA ARG B 124 8.50 -32.80 11.91
C ARG B 124 7.99 -33.71 13.03
N LYS B 125 8.84 -33.97 14.04
CA LYS B 125 8.47 -34.90 15.10
C LYS B 125 7.24 -34.39 15.87
N ILE B 126 7.23 -33.11 16.21
CA ILE B 126 6.09 -32.54 16.91
C ILE B 126 4.82 -32.72 16.09
N ILE B 127 4.88 -32.36 14.81
CA ILE B 127 3.68 -32.44 13.97
C ILE B 127 3.15 -33.87 13.94
N LYS B 128 4.02 -34.85 13.69
CA LYS B 128 3.57 -36.23 13.63
C LYS B 128 2.89 -36.65 14.93
N GLU B 129 3.41 -36.16 16.07
CA GLU B 129 2.82 -36.48 17.36
C GLU B 129 1.41 -35.93 17.49
N GLU B 130 1.23 -34.65 17.20
CA GLU B 130 -0.12 -34.08 17.19
C GLU B 130 -1.03 -34.80 16.22
N VAL B 131 -0.50 -35.30 15.09
CA VAL B 131 -1.39 -35.93 14.12
C VAL B 131 -1.92 -37.24 14.66
N LYS B 132 -1.11 -37.94 15.47
CA LYS B 132 -1.58 -39.16 16.12
C LYS B 132 -2.77 -38.89 17.04
N GLU B 133 -2.82 -37.70 17.64
CA GLU B 133 -3.89 -37.35 18.58
C GLU B 133 -5.17 -36.87 17.89
N ILE B 134 -5.17 -36.74 16.57
CA ILE B 134 -6.37 -36.30 15.84
C ILE B 134 -7.19 -37.54 15.51
N LYS B 135 -8.36 -37.68 16.13
CA LYS B 135 -9.26 -38.81 15.92
C LYS B 135 -10.56 -38.44 15.23
N ASP B 136 -10.81 -37.16 14.93
CA ASP B 136 -12.02 -36.77 14.23
C ASP B 136 -11.82 -36.63 12.72
N ILE B 137 -10.58 -36.50 12.25
CA ILE B 137 -10.29 -36.34 10.83
C ILE B 137 -9.38 -37.49 10.40
N ASP B 138 -9.55 -37.94 9.16
CA ASP B 138 -8.71 -38.98 8.58
C ASP B 138 -7.49 -38.29 8.00
N VAL B 139 -6.37 -38.31 8.73
CA VAL B 139 -5.24 -37.48 8.36
C VAL B 139 -3.94 -38.13 8.81
N SER B 140 -3.02 -38.34 7.87
CA SER B 140 -1.72 -38.96 8.16
C SER B 140 -0.59 -38.04 7.68
N VAL B 141 0.63 -38.41 8.01
CA VAL B 141 1.81 -37.66 7.61
C VAL B 141 2.55 -38.46 6.55
N GLU B 142 2.72 -37.87 5.38
CA GLU B 142 3.40 -38.53 4.29
C GLU B 142 4.84 -38.80 4.65
N LYS B 143 5.37 -39.92 4.15
CA LYS B 143 6.80 -40.23 4.25
C LYS B 143 7.63 -39.05 3.78
N GLU B 144 8.73 -38.80 4.48
CA GLU B 144 9.57 -37.64 4.21
C GLU B 144 10.34 -37.81 2.91
N LYS B 145 10.37 -36.74 2.09
CA LYS B 145 11.28 -36.68 0.95
C LYS B 145 12.59 -36.07 1.41
N PRO B 146 13.74 -36.73 1.20
CA PRO B 146 15.02 -36.10 1.54
C PRO B 146 15.19 -34.74 0.86
N GLY B 147 15.91 -33.85 1.54
CA GLY B 147 16.18 -32.52 1.02
C GLY B 147 14.99 -31.58 1.05
N SER B 148 13.76 -32.12 1.12
CA SER B 148 12.57 -31.30 0.97
C SER B 148 12.32 -30.46 2.21
N PRO B 149 11.77 -29.25 2.03
CA PRO B 149 11.47 -28.40 3.19
C PRO B 149 10.11 -28.66 3.83
N ALA B 150 9.27 -29.50 3.22
CA ALA B 150 7.88 -29.63 3.62
C ALA B 150 7.65 -30.76 4.61
N VAL B 151 6.66 -30.58 5.48
CA VAL B 151 6.01 -31.68 6.18
C VAL B 151 4.63 -31.80 5.54
N THR B 152 4.36 -32.91 4.86
CA THR B 152 3.14 -33.06 4.06
C THR B 152 2.11 -33.87 4.82
N LEU B 153 0.90 -33.34 4.93
CA LEU B 153 -0.24 -34.06 5.50
C LEU B 153 -1.14 -34.55 4.38
N LEU B 154 -1.68 -35.75 4.53
CA LEU B 154 -2.65 -36.31 3.61
C LEU B 154 -3.98 -36.45 4.33
N ILE B 155 -4.99 -35.73 3.85
CA ILE B 155 -6.33 -35.71 4.45
C ILE B 155 -7.28 -36.43 3.50
N ARG B 156 -8.23 -37.17 4.05
CA ARG B 156 -9.26 -37.82 3.24
C ARG B 156 -10.63 -37.37 3.74
N ASN B 157 -11.15 -36.27 3.16
CA ASN B 157 -12.43 -35.64 3.51
C ASN B 157 -13.49 -36.71 3.35
N PRO B 158 -13.74 -37.12 2.14
CA PRO B 158 -13.30 -38.45 1.72
C PRO B 158 -12.26 -38.25 0.63
N GLU B 159 -12.44 -37.17 -0.13
CA GLU B 159 -11.51 -36.81 -1.20
C GLU B 159 -10.15 -36.45 -0.61
N GLU B 160 -9.12 -36.58 -1.44
CA GLU B 160 -7.74 -36.44 -0.99
C GLU B 160 -7.28 -35.01 -1.06
N ILE B 161 -6.60 -34.56 0.00
CA ILE B 161 -6.15 -33.19 0.15
C ILE B 161 -4.73 -33.22 0.70
N SER B 162 -3.83 -32.44 0.09
CA SER B 162 -2.47 -32.30 0.59
C SER B 162 -2.29 -30.96 1.28
N VAL B 163 -1.62 -30.98 2.44
CA VAL B 163 -1.20 -29.75 3.11
C VAL B 163 0.31 -29.82 3.34
N ASP B 164 1.06 -28.94 2.66
CA ASP B 164 2.49 -28.78 2.88
C ASP B 164 2.69 -27.75 4.00
N ILE B 165 3.21 -28.19 5.12
CA ILE B 165 3.51 -27.31 6.25
C ILE B 165 5.00 -26.99 6.20
N ILE B 166 5.32 -25.73 5.93
CA ILE B 166 6.69 -25.31 5.68
C ILE B 166 7.16 -24.49 6.89
N LEU B 167 8.18 -24.97 7.57
CA LEU B 167 8.86 -24.17 8.57
C LEU B 167 9.63 -23.05 7.89
N ALA B 168 9.58 -21.85 8.47
CA ALA B 168 10.30 -20.73 7.87
C ALA B 168 10.93 -19.87 8.94
N LEU B 169 12.21 -19.54 8.76
CA LEU B 169 12.82 -18.46 9.51
C LEU B 169 12.44 -17.12 8.90
N GLU B 170 12.22 -16.14 9.76
CA GLU B 170 11.89 -14.77 9.36
C GLU B 170 12.96 -13.81 9.86
N SER B 171 13.53 -13.02 8.95
CA SER B 171 14.56 -12.05 9.29
C SER B 171 14.21 -10.69 8.71
N LYS B 172 14.72 -9.62 9.33
CA LYS B 172 14.28 -8.32 8.82
C LYS B 172 15.12 -7.08 9.11
N GLY B 173 16.38 -7.04 8.70
CA GLY B 173 17.04 -7.82 7.68
C GLY B 173 16.86 -7.16 6.33
N SER B 174 17.75 -6.25 5.95
CA SER B 174 17.96 -5.99 4.53
C SER B 174 18.08 -7.34 3.80
N TRP B 175 17.31 -7.49 2.73
CA TRP B 175 17.37 -8.70 1.93
C TRP B 175 18.80 -8.96 1.47
N PRO B 176 19.20 -10.23 1.32
CA PRO B 176 20.59 -10.51 0.93
C PRO B 176 20.92 -9.91 -0.43
N ILE B 177 22.20 -9.57 -0.59
CA ILE B 177 22.66 -8.82 -1.76
C ILE B 177 22.32 -9.52 -3.07
N SER B 178 22.15 -10.84 -3.05
CA SER B 178 21.87 -11.54 -4.30
C SER B 178 20.51 -11.18 -4.87
N THR B 179 19.66 -10.49 -4.11
CA THR B 179 18.35 -10.07 -4.58
C THR B 179 18.32 -8.61 -5.00
N LYS B 180 19.46 -7.90 -4.91
CA LYS B 180 19.42 -6.45 -5.11
C LYS B 180 18.92 -6.09 -6.50
N GLU B 181 19.29 -6.86 -7.50
CA GLU B 181 18.83 -6.68 -8.87
C GLU B 181 17.58 -7.47 -9.17
N GLY B 182 16.98 -8.12 -8.18
CA GLY B 182 15.81 -8.94 -8.42
C GLY B 182 14.54 -8.10 -8.44
N LEU B 183 13.41 -8.80 -8.51
CA LEU B 183 12.09 -8.17 -8.40
C LEU B 183 11.99 -6.94 -9.30
N PRO B 184 12.18 -7.10 -10.61
CA PRO B 184 12.32 -5.92 -11.49
C PRO B 184 10.97 -5.35 -11.92
N ILE B 185 10.19 -4.87 -10.95
CA ILE B 185 8.82 -4.44 -11.17
C ILE B 185 8.69 -2.94 -11.41
N GLN B 186 9.82 -2.22 -11.52
CA GLN B 186 9.80 -0.76 -11.51
C GLN B 186 8.88 -0.19 -12.60
N GLY B 187 8.87 -0.77 -13.79
CA GLY B 187 8.06 -0.19 -14.84
C GLY B 187 6.66 -0.73 -14.91
N TRP B 188 6.32 -1.61 -13.97
CA TRP B 188 5.05 -2.32 -13.95
C TRP B 188 4.29 -1.99 -12.68
N LEU B 189 4.76 -2.44 -11.52
CA LEU B 189 4.18 -2.08 -10.23
C LEU B 189 4.81 -0.81 -9.63
N GLY B 190 6.07 -0.51 -9.94
CA GLY B 190 6.64 0.79 -9.63
C GLY B 190 7.64 0.75 -8.47
N THR B 191 8.32 1.87 -8.27
CA THR B 191 9.40 1.94 -7.29
C THR B 191 8.88 1.98 -5.85
N LYS B 192 7.75 2.67 -5.61
CA LYS B 192 7.20 2.68 -4.25
C LYS B 192 6.75 1.28 -3.82
N VAL B 193 6.07 0.54 -4.71
CA VAL B 193 5.70 -0.83 -4.38
C VAL B 193 6.94 -1.67 -4.12
N ARG B 194 7.94 -1.61 -5.02
CA ARG B 194 9.18 -2.38 -4.85
C ARG B 194 9.87 -2.05 -3.53
N THR B 195 10.03 -0.77 -3.23
CA THR B 195 10.67 -0.38 -1.98
C THR B 195 9.91 -0.90 -0.76
N ASN B 196 8.57 -0.84 -0.80
CA ASN B 196 7.79 -1.30 0.35
C ASN B 196 7.84 -2.81 0.48
N LEU B 197 7.79 -3.54 -0.65
CA LEU B 197 7.88 -4.99 -0.58
C LEU B 197 9.20 -5.43 0.06
N ARG B 198 10.29 -4.74 -0.27
CA ARG B 198 11.61 -5.09 0.23
C ARG B 198 11.84 -4.56 1.64
N ARG B 199 10.92 -3.76 2.16
CA ARG B 199 10.85 -3.48 3.60
C ARG B 199 10.22 -4.59 4.40
N GLU B 200 9.47 -5.47 3.78
CA GLU B 200 8.94 -6.65 4.45
C GLU B 200 10.12 -7.55 4.87
N PRO B 201 9.90 -8.47 5.81
CA PRO B 201 10.94 -9.46 6.10
C PRO B 201 11.21 -10.36 4.90
N PHE B 202 12.33 -11.09 4.94
CA PHE B 202 12.58 -12.17 4.00
C PHE B 202 12.56 -13.48 4.77
N TYR B 203 12.43 -14.60 4.04
CA TYR B 203 12.22 -15.89 4.68
C TYR B 203 13.20 -16.94 4.18
N LEU B 204 13.40 -17.95 5.02
CA LEU B 204 14.32 -19.05 4.75
C LEU B 204 13.62 -20.35 5.10
N VAL B 205 13.59 -21.29 4.16
CA VAL B 205 12.93 -22.57 4.39
C VAL B 205 13.99 -23.66 4.37
N PRO B 206 13.79 -24.79 5.09
CA PRO B 206 14.83 -25.84 5.15
C PRO B 206 14.81 -26.76 3.94
N LYS B 207 15.01 -26.20 2.76
CA LYS B 207 15.31 -26.97 1.56
C LYS B 207 16.82 -27.06 1.47
N ASN B 208 17.35 -28.27 1.48
CA ASN B 208 18.79 -28.44 1.45
C ASN B 208 19.31 -28.44 0.03
N ALA B 209 20.44 -27.79 -0.17
CA ALA B 209 21.11 -27.74 -1.46
C ALA B 209 21.38 -29.13 -2.00
N GLN B 216 25.16 -29.59 2.38
CA GLN B 216 23.87 -30.21 2.08
C GLN B 216 22.93 -29.96 3.26
N GLY B 217 23.22 -30.60 4.39
CA GLY B 217 22.24 -30.77 5.45
C GLY B 217 21.95 -29.54 6.27
N GLU B 218 22.86 -28.56 6.25
CA GLU B 218 22.67 -27.37 7.07
C GLU B 218 22.10 -26.18 6.30
N THR B 219 21.96 -26.29 4.98
CA THR B 219 21.55 -25.18 4.13
C THR B 219 20.06 -24.88 4.20
N TRP B 220 19.72 -23.61 4.03
CA TRP B 220 18.36 -23.13 3.85
C TRP B 220 18.27 -22.39 2.52
N ARG B 221 17.04 -22.22 2.03
CA ARG B 221 16.77 -21.53 0.77
C ARG B 221 15.89 -20.30 1.00
N LEU B 222 16.16 -19.24 0.24
CA LEU B 222 15.30 -18.07 0.29
C LEU B 222 13.90 -18.38 -0.19
N SER B 223 12.92 -17.88 0.55
CA SER B 223 11.52 -17.96 0.18
C SER B 223 10.94 -16.57 0.06
N PHE B 224 10.21 -16.35 -1.03
CA PHE B 224 9.55 -15.10 -1.34
C PHE B 224 8.05 -15.30 -1.53
N SER B 225 7.50 -16.34 -0.90
CA SER B 225 6.09 -16.68 -1.09
C SER B 225 5.18 -15.54 -0.69
N HIS B 226 5.59 -14.74 0.30
CA HIS B 226 4.77 -13.62 0.72
C HIS B 226 4.79 -12.51 -0.31
N THR B 227 5.94 -12.33 -0.99
CA THR B 227 6.03 -11.34 -2.05
C THR B 227 5.24 -11.77 -3.30
N GLU B 228 5.31 -13.05 -3.66
CA GLU B 228 4.55 -13.53 -4.81
C GLU B 228 3.04 -13.43 -4.59
N LYS B 229 2.58 -13.61 -3.35
CA LYS B 229 1.17 -13.48 -3.00
C LYS B 229 0.68 -12.05 -3.21
N TYR B 230 1.39 -11.08 -2.64
CA TYR B 230 1.07 -9.67 -2.89
C TYR B 230 0.96 -9.41 -4.38
N ILE B 231 1.93 -9.89 -5.15
CA ILE B 231 1.95 -9.59 -6.59
C ILE B 231 0.75 -10.22 -7.28
N LEU B 232 0.44 -11.48 -6.94
CA LEU B 232 -0.70 -12.14 -7.57
C LEU B 232 -1.99 -11.37 -7.32
N ASN B 233 -2.15 -10.78 -6.14
CA ASN B 233 -3.37 -10.06 -5.83
C ASN B 233 -3.27 -8.56 -6.09
N ASN B 234 -2.14 -8.08 -6.62
CA ASN B 234 -1.89 -6.65 -6.87
C ASN B 234 -1.11 -6.49 -8.18
N HIS B 235 -1.66 -7.02 -9.26
CA HIS B 235 -0.90 -7.43 -10.44
C HIS B 235 -1.05 -6.48 -11.62
N GLY B 236 -1.81 -5.39 -11.50
CA GLY B 236 -2.05 -4.49 -12.62
C GLY B 236 -1.15 -3.27 -12.59
N ILE B 237 -0.93 -2.67 -13.75
CA ILE B 237 -0.31 -1.35 -13.73
C ILE B 237 -1.32 -0.32 -13.23
N GLU B 238 -2.62 -0.58 -13.43
CA GLU B 238 -3.68 0.26 -12.90
C GLU B 238 -4.11 -0.29 -11.53
N LYS B 239 -4.30 0.61 -10.58
CA LYS B 239 -4.68 0.16 -9.24
C LYS B 239 -5.97 -0.63 -9.24
N THR B 240 -6.84 -0.37 -10.22
CA THR B 240 -8.18 -0.90 -10.25
C THR B 240 -8.28 -2.22 -11.01
N CYS B 241 -7.15 -2.72 -11.54
CA CYS B 241 -7.20 -3.94 -12.33
C CYS B 241 -7.89 -5.05 -11.55
N CYS B 242 -8.97 -5.58 -12.14
CA CYS B 242 -9.68 -6.74 -11.61
C CYS B 242 -10.49 -6.44 -10.36
N GLU B 243 -10.80 -5.18 -10.08
CA GLU B 243 -11.65 -4.80 -8.96
C GLU B 243 -13.06 -4.47 -9.45
N SER B 244 -13.95 -4.26 -8.49
CA SER B 244 -15.35 -4.08 -8.86
C SER B 244 -15.63 -2.78 -9.61
N SER B 245 -14.78 -1.75 -9.49
CA SER B 245 -14.87 -0.56 -10.35
C SER B 245 -13.72 -0.48 -11.35
N GLY B 246 -13.07 -1.61 -11.64
CA GLY B 246 -12.08 -1.60 -12.70
C GLY B 246 -12.39 -2.55 -13.83
N ALA B 247 -11.43 -2.75 -14.72
CA ALA B 247 -11.58 -3.69 -15.82
C ALA B 247 -10.89 -4.99 -15.46
N LYS B 248 -11.49 -6.08 -15.88
CA LYS B 248 -10.95 -7.43 -15.72
C LYS B 248 -9.81 -7.64 -16.72
N CYS B 249 -8.75 -8.31 -16.29
CA CYS B 249 -7.64 -8.72 -17.14
C CYS B 249 -7.59 -10.25 -17.17
N CYS B 250 -6.79 -10.81 -18.07
CA CYS B 250 -6.71 -12.27 -18.14
C CYS B 250 -5.37 -12.81 -17.64
N ARG B 251 -4.69 -12.09 -16.75
CA ARG B 251 -3.37 -12.53 -16.30
C ARG B 251 -3.45 -13.86 -15.55
N LYS B 252 -4.40 -13.99 -14.61
CA LYS B 252 -4.45 -15.21 -13.81
C LYS B 252 -4.93 -16.38 -14.65
N GLU B 253 -5.89 -16.15 -15.55
CA GLU B 253 -6.38 -17.22 -16.42
C GLU B 253 -5.26 -17.76 -17.30
N CYS B 254 -4.31 -16.92 -17.68
CA CYS B 254 -3.16 -17.39 -18.46
C CYS B 254 -2.28 -18.27 -17.60
N LEU B 255 -2.10 -17.90 -16.33
CA LEU B 255 -1.33 -18.73 -15.43
C LEU B 255 -2.04 -20.06 -15.24
N LYS B 256 -3.38 -20.04 -15.14
CA LYS B 256 -4.11 -21.28 -14.91
C LYS B 256 -3.94 -22.25 -16.08
N LEU B 257 -4.08 -21.74 -17.31
CA LEU B 257 -3.96 -22.59 -18.50
C LEU B 257 -2.55 -23.14 -18.64
N MET B 258 -1.55 -22.30 -18.38
CA MET B 258 -0.16 -22.78 -18.45
C MET B 258 0.12 -23.81 -17.36
N LYS B 259 -0.38 -23.60 -16.14
CA LYS B 259 -0.27 -24.64 -15.12
C LYS B 259 -1.00 -25.91 -15.55
N TYR B 260 -2.18 -25.75 -16.17
CA TYR B 260 -2.95 -26.93 -16.58
C TYR B 260 -2.23 -27.72 -17.68
N LEU B 261 -1.64 -27.02 -18.65
CA LEU B 261 -0.85 -27.69 -19.67
C LEU B 261 0.27 -28.52 -19.05
N LEU B 262 0.93 -27.97 -18.03
CA LEU B 262 2.06 -28.66 -17.43
C LEU B 262 1.61 -29.83 -16.55
N GLU B 263 0.53 -29.64 -15.77
CA GLU B 263 0.01 -30.74 -14.96
C GLU B 263 -0.40 -31.93 -15.84
N GLN B 264 -1.08 -31.64 -16.96
CA GLN B 264 -1.52 -32.70 -17.86
C GLN B 264 -0.33 -33.37 -18.54
N LEU B 265 0.71 -32.60 -18.86
CA LEU B 265 1.88 -33.23 -19.45
C LEU B 265 2.66 -34.04 -18.43
N LYS B 266 2.72 -33.56 -17.18
CA LYS B 266 3.47 -34.28 -16.16
C LYS B 266 2.78 -35.59 -15.77
N LYS B 267 1.43 -35.59 -15.71
CA LYS B 267 0.63 -36.81 -15.57
C LYS B 267 1.16 -37.93 -16.45
N GLU B 268 1.42 -37.59 -17.71
CA GLU B 268 1.56 -38.53 -18.80
C GLU B 268 2.99 -38.96 -19.07
N PHE B 269 3.95 -38.05 -18.89
CA PHE B 269 5.35 -38.33 -19.16
C PHE B 269 6.15 -38.16 -17.88
N GLN B 270 6.77 -39.25 -17.44
CA GLN B 270 7.71 -39.26 -16.33
C GLN B 270 9.00 -38.50 -16.67
N GLU B 271 9.26 -38.29 -17.97
CA GLU B 271 10.39 -37.48 -18.41
C GLU B 271 10.33 -36.04 -17.90
N LEU B 272 9.16 -35.57 -17.46
CA LEU B 272 9.00 -34.19 -16.99
C LEU B 272 9.03 -34.09 -15.48
N ASP B 273 9.60 -35.08 -14.79
CA ASP B 273 9.55 -35.07 -13.32
C ASP B 273 10.32 -33.88 -12.75
N ALA B 274 11.30 -33.34 -13.48
CA ALA B 274 12.11 -32.22 -13.01
C ALA B 274 11.42 -30.87 -13.13
N PHE B 275 10.29 -30.81 -13.83
CA PHE B 275 9.54 -29.57 -13.96
C PHE B 275 8.49 -29.49 -12.86
N CYS B 276 8.22 -28.27 -12.40
CA CYS B 276 7.20 -28.03 -11.39
C CYS B 276 6.47 -26.74 -11.74
N SER B 277 5.32 -26.53 -11.07
CA SER B 277 4.51 -25.35 -11.34
C SER B 277 5.27 -24.05 -11.07
N TYR B 278 6.29 -24.07 -10.20
CA TYR B 278 7.03 -22.84 -9.92
C TYR B 278 7.80 -22.35 -11.14
N HIS B 279 8.21 -23.26 -12.01
CA HIS B 279 8.80 -22.84 -13.27
C HIS B 279 7.80 -22.01 -14.07
N VAL B 280 6.55 -22.45 -14.10
CA VAL B 280 5.53 -21.67 -14.81
C VAL B 280 5.30 -20.35 -14.10
N LYS B 281 5.23 -20.36 -12.76
CA LYS B 281 5.02 -19.12 -12.02
C LYS B 281 6.14 -18.13 -12.28
N THR B 282 7.39 -18.61 -12.25
CA THR B 282 8.53 -17.75 -12.54
C THR B 282 8.43 -17.17 -13.94
N ALA B 283 8.06 -17.99 -14.91
CA ALA B 283 8.00 -17.53 -16.28
C ALA B 283 6.93 -16.44 -16.44
N ILE B 284 5.77 -16.60 -15.81
CA ILE B 284 4.76 -15.60 -16.07
C ILE B 284 5.09 -14.33 -15.32
N PHE B 285 5.85 -14.40 -14.21
CA PHE B 285 6.31 -13.17 -13.60
C PHE B 285 7.16 -12.37 -14.58
N HIS B 286 8.00 -13.07 -15.36
CA HIS B 286 8.81 -12.40 -16.37
C HIS B 286 7.94 -11.83 -17.49
N MET B 287 6.97 -12.61 -17.99
CA MET B 287 6.04 -12.09 -19.00
C MET B 287 5.32 -10.84 -18.50
N TRP B 288 4.81 -10.88 -17.27
CA TRP B 288 4.06 -9.75 -16.75
C TRP B 288 4.92 -8.51 -16.66
N THR B 289 6.24 -8.69 -16.49
CA THR B 289 7.20 -7.60 -16.51
C THR B 289 7.49 -7.12 -17.93
N GLN B 290 7.68 -8.07 -18.86
CA GLN B 290 7.82 -7.75 -20.27
C GLN B 290 6.66 -6.90 -20.78
N ASP B 291 5.44 -7.29 -20.41
CA ASP B 291 4.21 -6.71 -20.94
C ASP B 291 3.46 -6.14 -19.75
N PRO B 292 3.86 -4.94 -19.27
CA PRO B 292 3.25 -4.41 -18.04
C PRO B 292 1.83 -3.92 -18.22
N GLN B 293 1.46 -3.41 -19.41
CA GLN B 293 0.18 -2.76 -19.60
C GLN B 293 -0.99 -3.71 -19.40
N ASP B 294 -2.02 -3.25 -18.69
CA ASP B 294 -3.21 -4.07 -18.52
C ASP B 294 -3.91 -4.35 -19.84
N SER B 295 -3.87 -3.40 -20.79
CA SER B 295 -4.51 -3.65 -22.06
C SER B 295 -3.81 -4.74 -22.83
N GLN B 296 -2.55 -5.07 -22.49
CA GLN B 296 -1.92 -6.24 -23.10
C GLN B 296 -2.41 -7.55 -22.50
N TRP B 297 -3.32 -7.51 -21.54
CA TRP B 297 -3.93 -8.71 -21.00
C TRP B 297 -5.46 -8.59 -21.00
N ASP B 298 -5.99 -8.01 -22.09
CA ASP B 298 -7.42 -7.84 -22.22
C ASP B 298 -8.08 -9.21 -22.32
N PRO B 299 -9.20 -9.42 -21.61
CA PRO B 299 -9.83 -10.76 -21.66
C PRO B 299 -10.19 -11.20 -23.07
N ARG B 300 -10.51 -10.28 -23.95
CA ARG B 300 -10.81 -10.67 -25.31
C ARG B 300 -9.59 -11.16 -26.09
N ASN B 301 -8.38 -10.91 -25.60
CA ASN B 301 -7.18 -11.42 -26.25
C ASN B 301 -6.59 -12.60 -25.49
N LEU B 302 -7.46 -13.38 -24.83
CA LEU B 302 -6.99 -14.53 -24.06
C LEU B 302 -6.16 -15.49 -24.91
N SER B 303 -6.53 -15.71 -26.18
CA SER B 303 -5.76 -16.63 -27.03
C SER B 303 -4.37 -16.11 -27.34
N SER B 304 -4.25 -14.85 -27.83
CA SER B 304 -2.93 -14.29 -28.09
C SER B 304 -2.06 -14.33 -26.84
N CYS B 305 -2.64 -13.95 -25.68
CA CYS B 305 -1.89 -13.88 -24.43
C CYS B 305 -1.36 -15.25 -24.00
N PHE B 306 -2.22 -16.27 -24.04
CA PHE B 306 -1.74 -17.61 -23.73
C PHE B 306 -0.65 -18.03 -24.72
N ASP B 307 -0.83 -17.69 -26.00
CA ASP B 307 0.14 -18.13 -27.01
C ASP B 307 1.49 -17.43 -26.84
N LYS B 308 1.50 -16.13 -26.51
CA LYS B 308 2.79 -15.48 -26.29
C LYS B 308 3.46 -15.99 -25.02
N LEU B 309 2.66 -16.38 -24.02
CA LEU B 309 3.23 -17.06 -22.86
C LEU B 309 3.83 -18.41 -23.27
N LEU B 310 3.23 -19.11 -24.23
CA LEU B 310 3.80 -20.37 -24.67
C LEU B 310 5.13 -20.14 -25.35
N ALA B 311 5.20 -19.13 -26.24
CA ALA B 311 6.43 -18.85 -26.96
C ALA B 311 7.52 -18.38 -26.00
N PHE B 312 7.15 -17.59 -24.99
CA PHE B 312 8.15 -17.16 -24.03
C PHE B 312 8.73 -18.35 -23.29
N PHE B 313 7.87 -19.28 -22.87
CA PHE B 313 8.34 -20.46 -22.14
C PHE B 313 9.20 -21.34 -23.03
N LEU B 314 8.82 -21.52 -24.29
CA LEU B 314 9.65 -22.28 -25.22
C LEU B 314 11.02 -21.63 -25.39
N GLU B 315 11.04 -20.30 -25.53
CA GLU B 315 12.32 -19.60 -25.67
C GLU B 315 13.20 -19.82 -24.44
N CYS B 316 12.61 -19.82 -23.25
CA CYS B 316 13.32 -20.21 -22.03
C CYS B 316 13.92 -21.62 -22.15
N LEU B 317 13.11 -22.58 -22.61
CA LEU B 317 13.62 -23.95 -22.79
C LEU B 317 14.74 -23.97 -23.81
N ARG B 318 14.56 -23.28 -24.94
CA ARG B 318 15.53 -23.35 -26.04
C ARG B 318 16.88 -22.77 -25.64
N THR B 319 16.87 -21.68 -24.88
CA THR B 319 18.09 -21.06 -24.40
C THR B 319 18.53 -21.60 -23.05
N GLU B 320 17.75 -22.51 -22.45
CA GLU B 320 18.10 -23.12 -21.17
C GLU B 320 18.30 -22.05 -20.09
N LYS B 321 17.43 -21.04 -20.11
CA LYS B 321 17.59 -19.87 -19.25
C LYS B 321 16.22 -19.49 -18.70
N LEU B 322 16.07 -19.62 -17.39
CA LEU B 322 14.88 -19.12 -16.70
C LEU B 322 15.33 -18.67 -15.31
N ASP B 323 15.63 -17.38 -15.18
CA ASP B 323 16.18 -16.87 -13.93
C ASP B 323 15.09 -16.75 -12.87
N HIS B 324 15.43 -17.14 -11.65
CA HIS B 324 14.65 -16.80 -10.47
C HIS B 324 14.26 -15.33 -10.53
N TYR B 325 12.97 -15.04 -10.41
CA TYR B 325 12.49 -13.66 -10.49
C TYR B 325 13.09 -12.78 -9.39
N PHE B 326 13.41 -13.35 -8.23
CA PHE B 326 13.93 -12.52 -7.14
C PHE B 326 15.46 -12.62 -6.99
N ILE B 327 16.09 -13.62 -7.59
CA ILE B 327 17.51 -13.89 -7.45
C ILE B 327 18.06 -14.10 -8.86
N PRO B 328 18.37 -13.03 -9.60
CA PRO B 328 18.53 -13.18 -11.05
C PRO B 328 19.72 -14.02 -11.47
N LYS B 329 20.75 -14.21 -10.64
CA LYS B 329 21.88 -15.02 -11.06
C LYS B 329 21.59 -16.51 -10.96
N PHE B 330 20.42 -16.90 -10.46
CA PHE B 330 20.06 -18.30 -10.24
C PHE B 330 19.20 -18.77 -11.41
N ASN B 331 19.77 -19.63 -12.24
CA ASN B 331 19.10 -20.12 -13.44
C ASN B 331 18.37 -21.41 -13.08
N LEU B 332 17.03 -21.35 -13.04
CA LEU B 332 16.27 -22.56 -12.74
C LEU B 332 16.36 -23.58 -13.86
N PHE B 333 16.78 -23.19 -15.06
CA PHE B 333 16.95 -24.12 -16.17
C PHE B 333 18.41 -24.46 -16.44
N SER B 334 19.32 -24.23 -15.48
CA SER B 334 20.72 -24.55 -15.73
C SER B 334 20.84 -26.02 -16.11
N GLN B 335 21.91 -26.35 -16.84
CA GLN B 335 22.11 -27.76 -17.17
C GLN B 335 22.28 -28.61 -15.91
N GLU B 336 22.79 -28.02 -14.83
CA GLU B 336 22.89 -28.75 -13.57
C GLU B 336 21.50 -29.10 -13.04
N LEU B 337 20.54 -28.17 -13.14
CA LEU B 337 19.28 -28.46 -12.47
C LEU B 337 18.38 -29.38 -13.31
N ILE B 338 18.27 -29.14 -14.62
CA ILE B 338 17.42 -29.91 -15.51
C ILE B 338 18.22 -30.29 -16.76
N ASP B 339 18.32 -31.59 -17.04
CA ASP B 339 19.13 -32.06 -18.16
C ASP B 339 18.60 -31.54 -19.49
N ARG B 340 19.53 -31.26 -20.42
CA ARG B 340 19.16 -30.79 -21.75
C ARG B 340 18.05 -31.65 -22.36
N LYS B 341 18.16 -32.98 -22.25
CA LYS B 341 17.17 -33.86 -22.87
C LYS B 341 15.77 -33.59 -22.34
N SER B 342 15.63 -33.40 -21.02
CA SER B 342 14.31 -33.09 -20.47
C SER B 342 13.74 -31.84 -21.10
N LYS B 343 14.58 -30.82 -21.30
CA LYS B 343 14.07 -29.56 -21.83
C LYS B 343 13.64 -29.70 -23.29
N GLU B 344 14.43 -30.43 -24.08
CA GLU B 344 14.04 -30.69 -25.47
C GLU B 344 12.76 -31.53 -25.52
N PHE B 345 12.61 -32.49 -24.61
CA PHE B 345 11.39 -33.27 -24.59
C PHE B 345 10.19 -32.38 -24.33
N LEU B 346 10.29 -31.49 -23.33
CA LEU B 346 9.18 -30.61 -23.01
C LEU B 346 8.91 -29.61 -24.13
N SER B 347 9.94 -29.17 -24.85
CA SER B 347 9.72 -28.28 -25.98
C SER B 347 8.91 -28.96 -27.08
N LYS B 348 9.22 -30.23 -27.37
CA LYS B 348 8.50 -30.96 -28.42
C LYS B 348 7.06 -31.22 -28.02
N LYS B 349 6.83 -31.57 -26.76
CA LYS B 349 5.46 -31.86 -26.33
C LYS B 349 4.63 -30.59 -26.27
N ILE B 350 5.23 -29.46 -25.88
CA ILE B 350 4.51 -28.18 -25.86
C ILE B 350 4.28 -27.69 -27.28
N GLU B 351 5.31 -27.75 -28.13
CA GLU B 351 5.13 -27.36 -29.52
C GLU B 351 4.02 -28.17 -30.16
N TYR B 352 3.94 -29.47 -29.81
CA TYR B 352 2.90 -30.32 -30.37
C TYR B 352 1.51 -29.87 -29.96
N GLU B 353 1.26 -29.74 -28.66
CA GLU B 353 -0.06 -29.29 -28.20
C GLU B 353 -0.43 -27.96 -28.84
N ARG B 354 0.53 -27.05 -28.93
CA ARG B 354 0.30 -25.72 -29.50
C ARG B 354 -0.23 -25.80 -30.92
N ASN B 355 0.45 -26.55 -31.79
CA ASN B 355 0.10 -26.61 -33.21
C ASN B 355 -1.08 -27.52 -33.52
N ASN B 356 -1.68 -28.18 -32.54
CA ASN B 356 -2.81 -29.06 -32.82
C ASN B 356 -4.03 -28.73 -32.00
N GLY B 357 -4.09 -27.51 -31.45
CA GLY B 357 -5.29 -27.06 -30.77
C GLY B 357 -5.44 -27.62 -29.39
N PHE B 358 -4.32 -27.92 -28.72
CA PHE B 358 -4.27 -28.46 -27.37
C PHE B 358 -5.26 -29.60 -27.20
N PRO B 359 -5.00 -30.77 -27.80
CA PRO B 359 -5.88 -31.93 -27.55
C PRO B 359 -5.84 -32.40 -26.10
N ILE B 360 -4.70 -32.21 -25.42
CA ILE B 360 -4.58 -32.67 -24.06
C ILE B 360 -5.54 -31.93 -23.13
N PHE B 361 -6.05 -30.77 -23.55
CA PHE B 361 -7.02 -30.05 -22.70
C PHE B 361 -8.39 -30.72 -22.69
N ASP B 362 -8.68 -31.59 -23.68
CA ASP B 362 -9.96 -32.26 -23.83
C ASP B 362 -10.06 -33.55 -23.05
N LYS B 363 -8.94 -34.26 -22.83
CA LYS B 363 -9.00 -35.46 -22.01
C LYS B 363 -9.33 -35.03 -20.58
N LEU B 364 -10.34 -35.66 -19.99
CA LEU B 364 -10.69 -35.38 -18.59
C LEU B 364 -9.54 -35.84 -17.68
PG GTP G . -12.55 29.22 9.28
O1G GTP G . -13.37 30.48 9.37
O2G GTP G . -13.36 28.15 8.57
O3G GTP G . -12.23 28.76 10.69
O3B GTP G . -11.20 29.54 8.42
PB GTP G . -9.74 29.59 9.11
O1B GTP G . -8.85 30.56 8.38
O2B GTP G . -9.84 29.91 10.61
O3A GTP G . -9.14 28.11 8.91
PA GTP G . -9.48 26.87 9.89
O1A GTP G . -10.18 27.28 11.17
O2A GTP G . -10.25 25.78 9.18
O5' GTP G . -8.00 26.36 10.30
C5' GTP G . -6.97 27.26 10.65
C4' GTP G . -5.64 26.65 10.23
O4' GTP G . -5.38 25.55 11.08
C3' GTP G . -5.64 26.09 8.82
O3' GTP G . -5.28 27.05 7.85
C2' GTP G . -4.59 24.99 8.94
O2' GTP G . -3.32 25.60 8.85
C1' GTP G . -4.80 24.48 10.35
N9 GTP G . -5.76 23.34 10.24
C8 GTP G . -7.14 23.41 10.31
N7 GTP G . -7.64 22.17 10.16
C5 GTP G . -6.61 21.29 9.98
C6 GTP G . -6.54 19.90 9.78
O6 GTP G . -7.57 19.23 9.71
N1 GTP G . -5.30 19.28 9.63
C2 GTP G . -4.15 20.06 9.68
N2 GTP G . -2.95 19.50 9.54
N3 GTP G . -4.23 21.42 9.89
C4 GTP G . -5.43 22.03 10.04
PG GTP H . -1.26 26.15 1.77
O1G GTP H . -2.15 27.34 1.54
O2G GTP H . -0.70 26.26 3.16
O3G GTP H . -0.12 26.18 0.79
O3B GTP H . -2.09 24.75 1.61
PB GTP H . -2.39 23.75 2.85
O1B GTP H . -3.00 22.48 2.38
O2B GTP H . -1.19 23.45 3.72
O3A GTP H . -3.50 24.61 3.65
PA GTP H . -3.46 25.03 5.22
O1A GTP H . -4.45 26.15 5.45
O2A GTP H . -2.06 25.47 5.57
O5' GTP H . -3.99 23.76 6.04
C5' GTP H . -3.28 22.54 6.16
C4' GTP H . -4.21 21.32 6.03
O4' GTP H . -5.28 21.45 6.94
C3' GTP H . -4.85 21.12 4.66
O3' GTP H . -4.04 20.40 3.76
C2' GTP H . -6.13 20.36 5.02
O2' GTP H . -5.86 18.96 5.07
C1' GTP H . -6.47 20.86 6.42
N9 GTP H . -7.53 21.89 6.38
C8 GTP H . -7.33 23.24 6.25
N7 GTP H . -8.53 23.87 6.25
C5 GTP H . -9.50 22.92 6.40
C6 GTP H . -10.90 23.01 6.47
O6 GTP H . -11.47 24.10 6.41
N1 GTP H . -11.64 21.84 6.63
C2 GTP H . -11.00 20.60 6.69
N3 GTP H . -9.63 20.55 6.62
C4 GTP H . -8.89 21.68 6.47
MG MG I . -0.08 25.07 4.49
ZN ZN J . 1.47 11.91 -11.59
PG GTP K . 12.67 -30.54 -5.93
O1G GTP K . 11.19 -30.35 -6.24
O2G GTP K . 13.52 -29.43 -6.49
O3G GTP K . 13.11 -31.87 -6.48
O3B GTP K . 13.03 -30.50 -4.36
PB GTP K . 12.03 -30.81 -3.16
O1B GTP K . 10.80 -31.60 -3.59
O2B GTP K . 12.81 -31.54 -2.07
O3A GTP K . 11.63 -29.32 -2.70
PA GTP K . 10.54 -28.37 -3.43
O1A GTP K . 11.21 -27.04 -3.70
O2A GTP K . 9.87 -28.98 -4.64
O5' GTP K . 9.44 -28.18 -2.27
C5' GTP K . 8.53 -29.20 -1.90
C4' GTP K . 7.23 -28.49 -1.49
O4' GTP K . 7.44 -27.69 -0.33
C3' GTP K . 6.67 -27.55 -2.57
O3' GTP K . 5.82 -28.21 -3.48
C2' GTP K . 5.93 -26.54 -1.72
O2' GTP K . 4.64 -27.02 -1.47
C1' GTP K . 6.70 -26.47 -0.40
N9 GTP K . 7.58 -25.28 -0.45
C8 GTP K . 8.88 -25.24 -0.89
N7 GTP K . 9.35 -23.98 -0.80
C5 GTP K . 8.37 -23.18 -0.30
C6 GTP K . 8.31 -21.82 0.00
O6 GTP K . 9.28 -21.08 -0.20
N1 GTP K . 7.15 -21.28 0.52
C2 GTP K . 6.06 -22.09 0.73
N2 GTP K . 4.94 -21.58 1.22
N3 GTP K . 6.12 -23.45 0.43
C4 GTP K . 7.27 -23.99 -0.07
PG GTP L . 0.21 -25.56 -7.25
O1G GTP L . 0.88 -26.44 -8.27
O2G GTP L . 0.26 -26.22 -5.90
O3G GTP L . -1.19 -25.24 -7.68
O3B GTP L . 0.94 -24.12 -7.24
PB GTP L . 1.71 -23.51 -5.98
O1B GTP L . 2.20 -22.14 -6.32
O2B GTP L . 0.85 -23.51 -4.74
O3A GTP L . 2.92 -24.58 -5.97
PA GTP L . 3.48 -25.35 -4.67
O1A GTP L . 4.41 -26.46 -5.13
O2A GTP L . 2.30 -25.88 -3.90
O5' GTP L . 4.33 -24.28 -3.82
C5' GTP L . 3.81 -23.32 -2.94
C4' GTP L . 4.67 -22.07 -2.96
O4' GTP L . 5.96 -22.39 -2.50
C3' GTP L . 4.89 -21.48 -4.35
O3' GTP L . 3.84 -20.64 -4.81
C2' GTP L . 6.22 -20.75 -4.18
O2' GTP L . 6.08 -19.47 -3.62
C1' GTP L . 6.96 -21.64 -3.20
N9 GTP L . 7.86 -22.53 -3.97
C8 GTP L . 7.58 -23.76 -4.51
N7 GTP L . 8.69 -24.22 -5.15
C5 GTP L . 9.68 -23.31 -4.99
C6 GTP L . 11.02 -23.28 -5.42
O6 GTP L . 11.50 -24.22 -6.07
N1 GTP L . 11.80 -22.18 -5.09
C2 GTP L . 11.27 -21.13 -4.37
N3 GTP L . 9.96 -21.17 -3.96
C4 GTP L . 9.17 -22.24 -4.26
MG MG M . 0.26 -25.46 -4.06
ZN ZN N . -6.23 -7.98 -13.45
#